data_1NW2
#
_entry.id   1NW2
#
_cell.length_a   79.61
_cell.length_b   60.21
_cell.length_c   82.95
_cell.angle_alpha   90.00
_cell.angle_beta   93.30
_cell.angle_gamma   90.00
#
_symmetry.space_group_name_H-M   'P 1 21 1'
#
loop_
_entity.id
_entity.type
_entity.pdbx_description
1 polymer THIOREDOXIN
2 non-polymer 'ZINC ION'
3 non-polymer 'ACETATE ION'
4 non-polymer 'CACODYLATE ION'
5 water water
#
_entity_poly.entity_id   1
_entity_poly.type   'polypeptide(L)'
_entity_poly.pdbx_seq_one_letter_code
;ATMTLTDANFQQAIQGDKPVLVDFWAAWCGPCRMMAPVLEEFAEAHADKVTVAKLNVDENPETTSQFGIMSIPTLILFKG
GEPVKQLIGYQPKEQLEAQLADVLQ
;
_entity_poly.pdbx_strand_id   A,B,C,D,E,F,G,H
#
loop_
_chem_comp.id
_chem_comp.type
_chem_comp.name
_chem_comp.formula
ACT non-polymer 'ACETATE ION' 'C2 H3 O2 -1'
CAC non-polymer 'CACODYLATE ION' 'C2 H6 As O2 -1'
ZN non-polymer 'ZINC ION' 'Zn 2'
#
# COMPACT_ATOMS: atom_id res chain seq x y z
N ALA A 1 4.48 36.75 4.02
CA ALA A 1 4.00 36.86 2.61
C ALA A 1 3.61 35.48 2.10
N THR A 2 3.70 34.48 2.98
CA THR A 2 3.35 33.12 2.58
C THR A 2 1.91 32.79 2.90
N MET A 3 1.27 32.15 1.94
CA MET A 3 -0.11 31.71 2.06
C MET A 3 -0.09 30.48 2.97
N THR A 4 -1.05 30.38 3.87
CA THR A 4 -1.11 29.25 4.78
C THR A 4 -2.11 28.24 4.27
N LEU A 5 -1.64 27.02 4.00
CA LEU A 5 -2.51 25.99 3.48
C LEU A 5 -2.95 24.98 4.54
N THR A 6 -4.08 24.34 4.29
CA THR A 6 -4.63 23.34 5.20
C THR A 6 -5.15 22.14 4.39
N ASP A 7 -5.43 21.01 5.05
CA ASP A 7 -5.93 19.86 4.33
C ASP A 7 -7.18 20.31 3.58
N ALA A 8 -7.95 21.20 4.21
CA ALA A 8 -9.19 21.69 3.65
C ALA A 8 -9.10 22.62 2.43
N ASN A 9 -8.11 23.50 2.38
CA ASN A 9 -7.99 24.44 1.26
C ASN A 9 -6.87 24.12 0.27
N PHE A 10 -6.21 22.99 0.48
CA PHE A 10 -5.09 22.60 -0.37
C PHE A 10 -5.38 22.51 -1.85
N GLN A 11 -6.33 21.66 -2.22
CA GLN A 11 -6.69 21.47 -3.62
C GLN A 11 -7.00 22.76 -4.34
N GLN A 12 -7.71 23.65 -3.67
CA GLN A 12 -8.09 24.93 -4.26
C GLN A 12 -6.84 25.74 -4.58
N ALA A 13 -5.91 25.77 -3.63
CA ALA A 13 -4.67 26.51 -3.76
C ALA A 13 -3.83 26.12 -4.98
N ILE A 14 -3.70 24.83 -5.23
CA ILE A 14 -2.87 24.39 -6.35
C ILE A 14 -3.54 24.35 -7.73
N GLN A 15 -4.80 24.76 -7.79
CA GLN A 15 -5.51 24.81 -9.05
C GLN A 15 -5.48 26.25 -9.56
N GLY A 16 -4.62 27.06 -8.94
CA GLY A 16 -4.48 28.45 -9.31
C GLY A 16 -3.65 28.67 -10.57
N ASP A 17 -3.65 29.89 -11.07
CA ASP A 17 -2.93 30.24 -12.28
C ASP A 17 -1.43 30.45 -12.13
N LYS A 18 -0.93 30.47 -10.90
CA LYS A 18 0.51 30.64 -10.69
C LYS A 18 1.05 29.41 -10.01
N PRO A 19 2.27 28.98 -10.38
CA PRO A 19 2.84 27.79 -9.73
C PRO A 19 2.84 28.02 -8.22
N VAL A 20 2.78 26.95 -7.45
CA VAL A 20 2.76 27.07 -6.00
C VAL A 20 3.90 26.29 -5.35
N LEU A 21 4.69 26.96 -4.52
CA LEU A 21 5.78 26.29 -3.81
C LEU A 21 5.32 26.01 -2.38
N VAL A 22 5.14 24.72 -2.05
CA VAL A 22 4.66 24.36 -0.72
C VAL A 22 5.69 23.83 0.26
N ASP A 23 5.83 24.56 1.35
CA ASP A 23 6.76 24.23 2.42
C ASP A 23 6.05 23.35 3.43
N PHE A 24 6.45 22.08 3.48
CA PHE A 24 5.92 21.14 4.48
C PHE A 24 6.87 21.29 5.68
N TRP A 25 6.37 21.87 6.78
CA TRP A 25 7.18 22.09 7.98
C TRP A 25 6.48 21.70 9.28
N ALA A 26 7.21 21.84 10.38
CA ALA A 26 6.68 21.55 11.71
C ALA A 26 7.45 22.40 12.72
N ALA A 27 6.86 22.63 13.87
CA ALA A 27 7.49 23.45 14.90
C ALA A 27 8.74 22.78 15.48
N TRP A 28 8.72 21.45 15.47
CA TRP A 28 9.84 20.68 16.01
C TRP A 28 11.03 20.64 15.07
N CYS A 29 10.85 21.14 13.86
CA CYS A 29 11.92 21.12 12.88
C CYS A 29 12.79 22.35 12.95
N GLY A 30 13.95 22.20 13.61
CA GLY A 30 14.88 23.31 13.76
C GLY A 30 15.24 24.02 12.47
N PRO A 31 15.66 23.29 11.44
CA PRO A 31 16.04 23.86 10.14
C PRO A 31 14.91 24.65 9.48
N CYS A 32 13.67 24.26 9.74
CA CYS A 32 12.52 24.95 9.17
C CYS A 32 12.48 26.39 9.68
N ARG A 33 12.77 26.58 10.96
CA ARG A 33 12.76 27.93 11.55
C ARG A 33 13.75 28.83 10.81
N MET A 34 14.99 28.37 10.74
CA MET A 34 16.06 29.11 10.09
C MET A 34 15.69 29.42 8.65
N MET A 35 14.91 28.54 8.05
CA MET A 35 14.50 28.69 6.66
C MET A 35 13.35 29.65 6.40
N ALA A 36 12.46 29.78 7.38
CA ALA A 36 11.30 30.65 7.25
C ALA A 36 11.64 32.05 6.70
N PRO A 37 12.56 32.77 7.35
CA PRO A 37 12.89 34.10 6.83
C PRO A 37 13.35 34.08 5.37
N VAL A 38 14.19 33.11 5.02
CA VAL A 38 14.67 33.00 3.65
C VAL A 38 13.50 32.78 2.69
N LEU A 39 12.55 31.91 3.07
CA LEU A 39 11.41 31.63 2.22
C LEU A 39 10.48 32.86 2.11
N GLU A 40 10.26 33.53 3.23
CA GLU A 40 9.41 34.72 3.25
C GLU A 40 9.94 35.76 2.26
N GLU A 41 11.25 36.01 2.31
CA GLU A 41 11.87 36.98 1.43
C GLU A 41 11.82 36.48 -0.01
N PHE A 42 11.95 35.17 -0.19
CA PHE A 42 11.90 34.62 -1.54
C PHE A 42 10.50 34.87 -2.09
N ALA A 43 9.51 34.71 -1.23
CA ALA A 43 8.12 34.89 -1.61
C ALA A 43 7.85 36.34 -2.02
N GLU A 44 8.39 37.27 -1.24
CA GLU A 44 8.21 38.69 -1.51
C GLU A 44 8.80 39.12 -2.86
N ALA A 45 9.93 38.54 -3.23
CA ALA A 45 10.59 38.92 -4.47
C ALA A 45 10.06 38.27 -5.75
N HIS A 46 9.26 37.22 -5.61
CA HIS A 46 8.75 36.50 -6.77
C HIS A 46 7.25 36.23 -6.77
N ALA A 47 6.50 36.96 -5.97
CA ALA A 47 5.06 36.75 -5.91
C ALA A 47 4.43 36.91 -7.29
N ASP A 48 5.17 37.53 -8.22
CA ASP A 48 4.66 37.73 -9.57
C ASP A 48 4.80 36.46 -10.42
N LYS A 49 5.65 35.54 -9.97
CA LYS A 49 5.89 34.30 -10.71
C LYS A 49 5.41 33.03 -9.99
N VAL A 50 5.50 33.03 -8.67
CA VAL A 50 5.11 31.86 -7.90
C VAL A 50 4.50 32.24 -6.55
N THR A 51 3.62 31.40 -6.05
CA THR A 51 3.00 31.62 -4.76
C THR A 51 3.69 30.66 -3.80
N VAL A 52 4.23 31.18 -2.70
CA VAL A 52 4.89 30.33 -1.73
C VAL A 52 3.92 30.11 -0.57
N ALA A 53 3.62 28.84 -0.31
CA ALA A 53 2.69 28.44 0.74
C ALA A 53 3.38 27.58 1.78
N LYS A 54 2.73 27.43 2.93
CA LYS A 54 3.28 26.63 4.00
C LYS A 54 2.19 25.71 4.53
N LEU A 55 2.57 24.47 4.82
CA LEU A 55 1.62 23.50 5.32
C LEU A 55 2.19 22.88 6.61
N ASN A 56 1.48 23.06 7.72
CA ASN A 56 1.91 22.54 9.03
C ASN A 56 1.61 21.03 9.09
N VAL A 57 2.62 20.18 8.93
CA VAL A 57 2.39 18.74 8.94
C VAL A 57 1.75 18.23 10.22
N ASP A 58 2.07 18.86 11.36
CA ASP A 58 1.49 18.46 12.63
C ASP A 58 -0.06 18.55 12.58
N GLU A 59 -0.58 19.51 11.85
CA GLU A 59 -2.05 19.69 11.77
C GLU A 59 -2.73 19.23 10.49
N ASN A 60 -1.96 18.79 9.51
CA ASN A 60 -2.55 18.37 8.25
C ASN A 60 -1.99 17.05 7.77
N PRO A 61 -2.31 15.97 8.48
CA PRO A 61 -1.81 14.65 8.11
C PRO A 61 -2.23 14.13 6.72
N GLU A 62 -3.40 14.51 6.25
CA GLU A 62 -3.90 14.04 4.95
C GLU A 62 -3.08 14.44 3.72
N THR A 63 -2.77 15.73 3.65
CA THR A 63 -2.01 16.23 2.52
C THR A 63 -0.58 15.75 2.60
N THR A 64 -0.06 15.69 3.81
CA THR A 64 1.32 15.25 4.02
C THR A 64 1.47 13.79 3.59
N SER A 65 0.53 12.96 3.99
CA SER A 65 0.55 11.55 3.64
C SER A 65 0.38 11.38 2.12
N GLN A 66 -0.60 12.08 1.56
CA GLN A 66 -0.86 12.04 0.12
C GLN A 66 0.36 12.20 -0.76
N PHE A 67 1.23 13.15 -0.41
CA PHE A 67 2.43 13.40 -1.20
C PHE A 67 3.65 12.66 -0.73
N GLY A 68 3.43 11.67 0.12
CA GLY A 68 4.51 10.84 0.60
C GLY A 68 5.69 11.50 1.31
N ILE A 69 5.44 12.54 2.09
CA ILE A 69 6.53 13.19 2.79
C ILE A 69 7.25 12.19 3.69
N MET A 70 8.59 12.25 3.67
CA MET A 70 9.45 11.38 4.47
C MET A 70 10.32 12.15 5.45
N SER A 71 10.73 13.35 5.08
CA SER A 71 11.56 14.19 5.96
C SER A 71 11.08 15.63 5.94
N ILE A 72 11.37 16.34 7.02
CA ILE A 72 10.93 17.72 7.20
C ILE A 72 12.20 18.50 7.33
N PRO A 73 12.36 19.60 6.56
CA PRO A 73 11.60 20.33 5.53
C PRO A 73 11.54 19.52 4.23
N THR A 74 10.54 19.81 3.42
CA THR A 74 10.31 19.26 2.08
C THR A 74 9.44 20.31 1.41
N LEU A 75 9.89 20.78 0.25
CA LEU A 75 9.15 21.76 -0.51
C LEU A 75 8.81 21.12 -1.84
N ILE A 76 7.57 21.26 -2.24
CA ILE A 76 7.14 20.71 -3.50
C ILE A 76 6.61 21.83 -4.36
N LEU A 77 7.12 21.92 -5.59
CA LEU A 77 6.66 22.95 -6.53
C LEU A 77 5.54 22.37 -7.37
N PHE A 78 4.37 22.99 -7.32
CA PHE A 78 3.23 22.53 -8.10
C PHE A 78 3.03 23.46 -9.30
N LYS A 79 2.78 22.83 -10.44
CA LYS A 79 2.55 23.53 -11.69
C LYS A 79 1.35 22.79 -12.30
N GLY A 80 0.37 23.53 -12.79
CA GLY A 80 -0.79 22.88 -13.37
C GLY A 80 -1.48 21.94 -12.40
N GLY A 81 -1.32 22.21 -11.11
CA GLY A 81 -1.96 21.38 -10.11
C GLY A 81 -1.29 20.04 -9.85
N GLU A 82 -0.06 19.88 -10.33
CA GLU A 82 0.66 18.64 -10.10
C GLU A 82 2.06 18.92 -9.57
N PRO A 83 2.59 18.01 -8.74
CA PRO A 83 3.94 18.16 -8.18
C PRO A 83 4.97 17.92 -9.28
N VAL A 84 5.81 18.92 -9.55
CA VAL A 84 6.84 18.77 -10.58
C VAL A 84 8.25 18.82 -10.01
N LYS A 85 8.39 19.21 -8.75
CA LYS A 85 9.69 19.25 -8.12
C LYS A 85 9.58 19.04 -6.61
N GLN A 86 10.52 18.30 -6.06
CA GLN A 86 10.48 18.08 -4.63
C GLN A 86 11.84 18.33 -4.04
N LEU A 87 11.94 19.44 -3.32
CA LEU A 87 13.19 19.84 -2.71
C LEU A 87 13.26 19.30 -1.30
N ILE A 88 14.29 18.51 -1.05
CA ILE A 88 14.50 17.89 0.23
C ILE A 88 15.47 18.63 1.13
N GLY A 89 15.02 18.92 2.35
CA GLY A 89 15.87 19.57 3.31
C GLY A 89 16.02 21.07 3.17
N TYR A 90 16.89 21.64 3.98
CA TYR A 90 17.13 23.08 3.97
C TYR A 90 17.44 23.63 2.59
N GLN A 91 16.80 24.74 2.23
CA GLN A 91 17.05 25.33 0.93
C GLN A 91 17.55 26.77 1.05
N PRO A 92 18.84 27.00 0.76
CA PRO A 92 19.43 28.34 0.84
C PRO A 92 18.80 29.13 -0.29
N LYS A 93 18.82 30.45 -0.18
CA LYS A 93 18.25 31.27 -1.23
C LYS A 93 18.82 30.90 -2.60
N GLU A 94 20.12 30.69 -2.70
CA GLU A 94 20.75 30.35 -3.98
C GLU A 94 20.16 29.11 -4.65
N GLN A 95 19.70 28.17 -3.84
CA GLN A 95 19.12 26.95 -4.40
C GLN A 95 17.68 27.18 -4.84
N LEU A 96 16.93 27.97 -4.06
CA LEU A 96 15.55 28.28 -4.43
C LEU A 96 15.63 28.99 -5.77
N GLU A 97 16.58 29.90 -5.90
CA GLU A 97 16.74 30.62 -7.16
C GLU A 97 17.01 29.66 -8.32
N ALA A 98 18.00 28.78 -8.13
CA ALA A 98 18.44 27.82 -9.15
C ALA A 98 17.44 26.73 -9.50
N GLN A 99 16.75 26.21 -8.50
CA GLN A 99 15.77 25.14 -8.70
C GLN A 99 14.47 25.61 -9.36
N LEU A 100 14.06 26.85 -9.07
CA LEU A 100 12.83 27.37 -9.65
C LEU A 100 13.14 28.37 -10.76
N ALA A 101 14.32 28.24 -11.36
CA ALA A 101 14.76 29.11 -12.44
C ALA A 101 13.77 29.08 -13.59
N ASP A 102 13.20 27.91 -13.85
CA ASP A 102 12.23 27.72 -14.92
C ASP A 102 10.91 28.46 -14.68
N VAL A 103 10.31 28.29 -13.50
CA VAL A 103 9.05 28.97 -13.19
C VAL A 103 9.31 30.47 -13.05
N LEU A 104 10.57 30.83 -12.81
CA LEU A 104 10.97 32.23 -12.71
C LEU A 104 11.73 32.53 -13.99
N GLN A 105 11.02 32.56 -15.11
CA GLN A 105 11.66 32.82 -16.39
C GLN A 105 10.89 33.86 -17.19
N ALA B 1 11.52 -4.02 -22.29
CA ALA B 1 10.53 -2.95 -22.63
C ALA B 1 10.80 -1.68 -21.83
N THR B 2 12.07 -1.26 -21.81
CA THR B 2 12.47 -0.06 -21.09
C THR B 2 13.69 0.64 -21.69
N MET B 3 13.41 1.58 -22.57
CA MET B 3 14.41 2.39 -23.27
C MET B 3 15.45 3.01 -22.34
N THR B 4 16.72 2.96 -22.74
CA THR B 4 17.80 3.54 -21.95
C THR B 4 18.19 4.89 -22.53
N LEU B 5 18.13 5.93 -21.70
CA LEU B 5 18.47 7.27 -22.12
C LEU B 5 19.81 7.74 -21.53
N THR B 6 20.46 8.67 -22.22
CA THR B 6 21.73 9.22 -21.77
C THR B 6 21.74 10.72 -22.00
N ASP B 7 22.75 11.40 -21.48
CA ASP B 7 22.81 12.84 -21.66
C ASP B 7 22.82 13.17 -23.16
N ALA B 8 23.45 12.32 -23.97
CA ALA B 8 23.54 12.56 -25.40
C ALA B 8 22.20 12.59 -26.14
N ASN B 9 21.34 11.60 -25.87
CA ASN B 9 20.05 11.52 -26.55
C ASN B 9 18.83 11.96 -25.75
N PHE B 10 19.03 12.37 -24.50
CA PHE B 10 17.90 12.76 -23.68
C PHE B 10 16.95 13.81 -24.27
N GLN B 11 17.49 14.94 -24.70
CA GLN B 11 16.67 16.01 -25.28
C GLN B 11 15.78 15.52 -26.39
N GLN B 12 16.38 14.80 -27.34
CA GLN B 12 15.61 14.27 -28.44
C GLN B 12 14.47 13.38 -27.92
N ALA B 13 14.81 12.49 -26.99
CA ALA B 13 13.83 11.58 -26.41
C ALA B 13 12.61 12.27 -25.81
N ILE B 14 12.79 13.33 -25.04
CA ILE B 14 11.62 13.96 -24.47
C ILE B 14 10.85 14.80 -25.48
N GLN B 15 11.37 14.88 -26.70
CA GLN B 15 10.70 15.64 -27.75
C GLN B 15 10.08 14.66 -28.75
N GLY B 16 9.81 13.44 -28.29
CA GLY B 16 9.23 12.44 -29.16
C GLY B 16 7.72 12.60 -29.30
N ASP B 17 7.06 11.56 -29.80
CA ASP B 17 5.62 11.59 -29.98
C ASP B 17 4.87 11.45 -28.67
N LYS B 18 5.11 10.34 -27.97
CA LYS B 18 4.43 10.05 -26.72
C LYS B 18 5.12 10.60 -25.48
N PRO B 19 4.34 10.83 -24.41
CA PRO B 19 4.97 11.33 -23.19
C PRO B 19 5.97 10.24 -22.80
N VAL B 20 7.04 10.64 -22.13
CA VAL B 20 8.05 9.70 -21.70
C VAL B 20 8.15 9.74 -20.16
N LEU B 21 8.02 8.57 -19.53
CA LEU B 21 8.13 8.46 -18.07
C LEU B 21 9.55 8.01 -17.81
N VAL B 22 10.37 8.93 -17.30
CA VAL B 22 11.78 8.63 -17.06
C VAL B 22 12.07 8.32 -15.62
N ASP B 23 12.67 7.14 -15.44
CA ASP B 23 13.06 6.62 -14.14
C ASP B 23 14.57 6.93 -13.98
N PHE B 24 14.89 7.87 -13.09
CA PHE B 24 16.29 8.22 -12.82
C PHE B 24 16.70 7.28 -11.70
N TRP B 25 17.68 6.42 -11.95
CA TRP B 25 18.08 5.45 -10.95
C TRP B 25 19.57 5.41 -10.74
N ALA B 26 19.99 4.64 -9.73
CA ALA B 26 21.40 4.53 -9.40
C ALA B 26 21.67 3.11 -8.87
N ALA B 27 22.90 2.63 -9.03
CA ALA B 27 23.23 1.28 -8.58
C ALA B 27 23.03 1.10 -7.08
N TRP B 28 23.15 2.18 -6.33
CA TRP B 28 22.99 2.11 -4.87
C TRP B 28 21.54 2.22 -4.41
N CYS B 29 20.67 2.44 -5.38
CA CYS B 29 19.26 2.63 -5.07
C CYS B 29 18.61 1.52 -4.24
N GLY B 30 17.79 1.92 -3.27
CA GLY B 30 17.15 0.94 -2.42
C GLY B 30 15.98 0.17 -3.03
N PRO B 31 14.90 0.87 -3.39
CA PRO B 31 13.71 0.24 -3.97
C PRO B 31 13.67 0.08 -5.50
N CYS B 32 14.75 0.42 -6.20
CA CYS B 32 14.74 0.32 -7.66
C CYS B 32 14.55 -1.11 -8.19
N ARG B 33 15.28 -2.06 -7.62
CA ARG B 33 15.15 -3.45 -8.06
C ARG B 33 13.72 -3.92 -7.84
N MET B 34 13.16 -3.51 -6.71
CA MET B 34 11.82 -3.85 -6.28
C MET B 34 10.80 -3.12 -7.15
N MET B 35 11.29 -2.15 -7.92
CA MET B 35 10.45 -1.34 -8.78
C MET B 35 10.52 -1.73 -10.26
N ALA B 36 11.61 -2.38 -10.65
CA ALA B 36 11.81 -2.79 -12.04
C ALA B 36 10.59 -3.51 -12.62
N PRO B 37 10.12 -4.58 -11.96
CA PRO B 37 8.95 -5.26 -12.53
C PRO B 37 7.72 -4.35 -12.64
N VAL B 38 7.49 -3.51 -11.63
CA VAL B 38 6.34 -2.61 -11.65
C VAL B 38 6.36 -1.73 -12.89
N LEU B 39 7.52 -1.14 -13.19
CA LEU B 39 7.65 -0.29 -14.36
C LEU B 39 7.48 -1.07 -15.67
N GLU B 40 7.97 -2.30 -15.71
CA GLU B 40 7.81 -3.12 -16.91
C GLU B 40 6.34 -3.34 -17.21
N GLU B 41 5.59 -3.76 -16.20
CA GLU B 41 4.18 -4.02 -16.34
C GLU B 41 3.46 -2.74 -16.68
N PHE B 42 3.85 -1.64 -16.04
CA PHE B 42 3.20 -0.38 -16.34
C PHE B 42 3.39 -0.04 -17.83
N ALA B 43 4.63 -0.17 -18.31
CA ALA B 43 4.92 0.14 -19.71
C ALA B 43 4.09 -0.76 -20.62
N GLU B 44 4.03 -2.05 -20.28
CA GLU B 44 3.27 -3.00 -21.07
C GLU B 44 1.80 -2.62 -21.15
N ALA B 45 1.23 -2.13 -20.05
CA ALA B 45 -0.19 -1.75 -20.01
C ALA B 45 -0.51 -0.36 -20.54
N HIS B 46 0.53 0.43 -20.83
CA HIS B 46 0.30 1.77 -21.33
C HIS B 46 1.14 2.07 -22.57
N ALA B 47 1.51 1.01 -23.30
CA ALA B 47 2.33 1.18 -24.49
C ALA B 47 1.86 2.29 -25.44
N ASP B 48 0.56 2.44 -25.63
CA ASP B 48 0.05 3.47 -26.53
C ASP B 48 -0.01 4.88 -26.00
N LYS B 49 0.09 5.08 -24.69
CA LYS B 49 0.01 6.46 -24.22
C LYS B 49 1.29 6.98 -23.62
N VAL B 50 2.25 6.08 -23.40
CA VAL B 50 3.54 6.46 -22.81
C VAL B 50 4.69 5.54 -23.18
N THR B 51 5.89 6.10 -23.10
CA THR B 51 7.12 5.37 -23.33
C THR B 51 7.87 5.42 -22.00
N VAL B 52 8.18 4.27 -21.41
CA VAL B 52 8.89 4.21 -20.14
C VAL B 52 10.39 4.05 -20.46
N ALA B 53 11.22 4.88 -19.85
CA ALA B 53 12.66 4.87 -20.09
C ALA B 53 13.45 5.02 -18.81
N LYS B 54 14.73 4.69 -18.88
CA LYS B 54 15.55 4.79 -17.70
C LYS B 54 16.82 5.58 -17.92
N LEU B 55 17.21 6.33 -16.90
CA LEU B 55 18.41 7.14 -16.94
C LEU B 55 19.21 6.86 -15.67
N ASN B 56 20.39 6.32 -15.87
CA ASN B 56 21.29 6.00 -14.75
C ASN B 56 22.02 7.26 -14.35
N VAL B 57 21.67 7.81 -13.18
CA VAL B 57 22.32 9.04 -12.75
C VAL B 57 23.82 8.89 -12.55
N ASP B 58 24.27 7.68 -12.23
CA ASP B 58 25.71 7.46 -12.00
C ASP B 58 26.53 7.84 -13.23
N GLU B 59 25.99 7.59 -14.43
CA GLU B 59 26.68 7.87 -15.69
C GLU B 59 26.15 9.05 -16.53
N ASN B 60 25.14 9.75 -16.06
CA ASN B 60 24.58 10.86 -16.83
C ASN B 60 24.30 12.05 -15.94
N PRO B 61 25.36 12.72 -15.44
CA PRO B 61 25.19 13.88 -14.56
C PRO B 61 24.49 15.13 -15.12
N GLU B 62 24.73 15.45 -16.39
CA GLU B 62 24.14 16.64 -16.99
C GLU B 62 22.62 16.69 -16.91
N THR B 63 21.95 15.65 -17.37
CA THR B 63 20.48 15.61 -17.33
C THR B 63 20.00 15.55 -15.88
N THR B 64 20.70 14.76 -15.08
CA THR B 64 20.38 14.59 -13.67
C THR B 64 20.47 15.97 -13.00
N SER B 65 21.53 16.72 -13.31
CA SER B 65 21.72 18.06 -12.77
C SER B 65 20.61 19.02 -13.22
N GLN B 66 20.43 19.11 -14.54
CA GLN B 66 19.42 19.98 -15.16
C GLN B 66 18.05 19.85 -14.51
N PHE B 67 17.63 18.62 -14.24
CA PHE B 67 16.34 18.46 -13.65
C PHE B 67 16.27 18.47 -12.13
N GLY B 68 17.35 18.96 -11.50
CA GLY B 68 17.42 19.10 -10.06
C GLY B 68 17.09 17.84 -9.27
N ILE B 69 17.58 16.71 -9.75
CA ILE B 69 17.33 15.43 -9.09
C ILE B 69 18.13 15.30 -7.80
N MET B 70 17.47 14.88 -6.73
CA MET B 70 18.18 14.64 -5.47
C MET B 70 17.79 13.31 -4.84
N SER B 71 16.55 12.88 -5.03
CA SER B 71 16.10 11.58 -4.51
C SER B 71 16.21 10.47 -5.57
N ILE B 72 16.56 9.26 -5.12
CA ILE B 72 16.68 8.11 -6.02
C ILE B 72 15.86 6.97 -5.42
N PRO B 73 14.88 6.45 -6.17
CA PRO B 73 14.54 6.90 -7.52
C PRO B 73 13.62 8.11 -7.60
N THR B 74 13.65 8.73 -8.77
CA THR B 74 12.78 9.85 -9.12
C THR B 74 12.21 9.52 -10.49
N LEU B 75 10.89 9.59 -10.62
CA LEU B 75 10.21 9.36 -11.89
C LEU B 75 9.68 10.73 -12.33
N ILE B 76 9.94 11.09 -13.58
CA ILE B 76 9.45 12.34 -14.13
C ILE B 76 8.72 12.05 -15.44
N LEU B 77 7.48 12.49 -15.53
CA LEU B 77 6.72 12.30 -16.74
C LEU B 77 6.94 13.56 -17.55
N PHE B 78 7.43 13.37 -18.77
CA PHE B 78 7.67 14.45 -19.68
C PHE B 78 6.53 14.41 -20.68
N LYS B 79 5.99 15.59 -20.92
CA LYS B 79 4.89 15.76 -21.84
C LYS B 79 5.08 17.23 -22.21
N GLY B 80 5.07 17.53 -23.49
CA GLY B 80 5.28 18.91 -23.89
C GLY B 80 6.74 19.26 -23.74
N GLY B 81 7.59 18.25 -23.71
CA GLY B 81 9.02 18.47 -23.61
C GLY B 81 9.44 18.98 -22.25
N GLU B 82 8.53 18.99 -21.29
CA GLU B 82 8.86 19.45 -19.95
C GLU B 82 8.22 18.58 -18.90
N PRO B 83 8.79 18.57 -17.69
CA PRO B 83 8.25 17.77 -16.59
C PRO B 83 6.84 18.24 -16.31
N VAL B 84 5.89 17.30 -16.27
CA VAL B 84 4.51 17.64 -15.94
C VAL B 84 4.18 17.04 -14.60
N LYS B 85 4.96 16.05 -14.17
CA LYS B 85 4.74 15.45 -12.88
C LYS B 85 5.99 14.68 -12.46
N GLN B 86 6.25 14.63 -11.16
CA GLN B 86 7.40 13.94 -10.64
C GLN B 86 7.01 13.15 -9.39
N LEU B 87 7.52 11.94 -9.28
CA LEU B 87 7.25 11.05 -8.16
C LEU B 87 8.58 10.57 -7.60
N ILE B 88 8.73 10.54 -6.28
CA ILE B 88 9.99 10.06 -5.74
C ILE B 88 9.76 8.86 -4.87
N GLY B 89 10.78 8.01 -4.76
CA GLY B 89 10.66 6.83 -3.95
C GLY B 89 9.91 5.71 -4.63
N TYR B 90 9.75 4.61 -3.91
CA TYR B 90 9.06 3.44 -4.42
C TYR B 90 7.62 3.76 -4.75
N GLN B 91 7.22 3.38 -5.95
CA GLN B 91 5.87 3.61 -6.43
C GLN B 91 5.23 2.29 -6.86
N PRO B 92 4.38 1.69 -6.01
CA PRO B 92 3.76 0.43 -6.41
C PRO B 92 2.74 0.61 -7.53
N LYS B 93 2.43 -0.48 -8.22
CA LYS B 93 1.47 -0.49 -9.33
C LYS B 93 0.26 0.44 -9.20
N GLU B 94 -0.54 0.25 -8.14
CA GLU B 94 -1.74 1.07 -7.96
C GLU B 94 -1.46 2.56 -7.75
N GLN B 95 -0.39 2.87 -7.04
CA GLN B 95 -0.02 4.27 -6.80
C GLN B 95 0.44 4.90 -8.10
N LEU B 96 1.19 4.14 -8.90
CA LEU B 96 1.67 4.67 -10.16
C LEU B 96 0.43 4.99 -11.00
N GLU B 97 -0.49 4.05 -11.06
CA GLU B 97 -1.72 4.23 -11.81
C GLU B 97 -2.51 5.46 -11.33
N ALA B 98 -2.73 5.58 -10.02
CA ALA B 98 -3.49 6.72 -9.47
C ALA B 98 -2.84 8.06 -9.72
N GLN B 99 -1.52 8.07 -9.58
CA GLN B 99 -0.73 9.29 -9.75
C GLN B 99 -0.62 9.75 -11.20
N LEU B 100 -0.59 8.81 -12.12
CA LEU B 100 -0.45 9.19 -13.52
C LEU B 100 -1.75 9.23 -14.32
N ALA B 101 -2.85 8.78 -13.72
CA ALA B 101 -4.13 8.72 -14.43
C ALA B 101 -4.46 10.07 -15.11
N ASP B 102 -4.10 11.15 -14.43
CA ASP B 102 -4.41 12.50 -14.91
C ASP B 102 -3.45 13.21 -15.82
N VAL B 103 -2.28 12.63 -16.07
CA VAL B 103 -1.35 13.29 -16.98
C VAL B 103 -1.18 12.50 -18.24
N LEU B 104 -1.93 11.40 -18.37
CA LEU B 104 -1.85 10.55 -19.54
C LEU B 104 -3.15 10.55 -20.37
N GLN B 105 -3.91 11.65 -20.33
CA GLN B 105 -5.13 11.71 -21.13
C GLN B 105 -5.33 13.06 -21.82
N ALA C 1 41.57 18.96 4.59
CA ALA C 1 40.67 19.08 5.78
C ALA C 1 39.50 18.10 5.66
N THR C 2 39.46 17.39 4.54
CA THR C 2 38.41 16.40 4.29
C THR C 2 38.97 15.15 3.62
N MET C 3 38.93 14.02 4.30
CA MET C 3 39.45 12.81 3.68
C MET C 3 38.40 12.21 2.72
N THR C 4 38.90 11.54 1.70
CA THR C 4 38.08 10.91 0.70
C THR C 4 37.95 9.44 1.03
N LEU C 5 36.71 8.97 1.14
CA LEU C 5 36.47 7.56 1.44
C LEU C 5 35.92 6.81 0.24
N THR C 6 36.17 5.50 0.21
CA THR C 6 35.72 4.62 -0.87
C THR C 6 35.17 3.33 -0.28
N ASP C 7 34.52 2.51 -1.10
CA ASP C 7 34.00 1.23 -0.60
C ASP C 7 35.17 0.44 0.02
N ALA C 8 36.36 0.60 -0.57
CA ALA C 8 37.53 -0.12 -0.10
C ALA C 8 38.12 0.34 1.24
N ASN C 9 38.04 1.63 1.59
CA ASN C 9 38.62 2.06 2.86
C ASN C 9 37.61 2.57 3.88
N PHE C 10 36.33 2.52 3.51
CA PHE C 10 35.29 3.01 4.40
C PHE C 10 35.27 2.42 5.81
N GLN C 11 35.17 1.10 5.95
CA GLN C 11 35.11 0.49 7.28
C GLN C 11 36.25 0.91 8.22
N GLN C 12 37.46 0.92 7.68
CA GLN C 12 38.61 1.31 8.47
C GLN C 12 38.49 2.74 8.98
N ALA C 13 37.99 3.61 8.10
CA ALA C 13 37.83 5.02 8.44
C ALA C 13 36.85 5.28 9.57
N ILE C 14 35.84 4.43 9.74
CA ILE C 14 34.87 4.65 10.82
C ILE C 14 35.10 3.79 12.06
N GLN C 15 36.12 2.94 12.03
CA GLN C 15 36.42 2.06 13.16
C GLN C 15 37.14 2.68 14.34
N GLY C 16 36.82 3.92 14.67
CA GLY C 16 37.50 4.55 15.77
C GLY C 16 36.62 5.33 16.72
N ASP C 17 37.22 5.74 17.83
CA ASP C 17 36.54 6.50 18.86
C ASP C 17 36.25 7.93 18.45
N LYS C 18 37.07 8.49 17.58
CA LYS C 18 36.87 9.86 17.11
C LYS C 18 35.70 9.88 16.11
N PRO C 19 34.70 10.75 16.34
CA PRO C 19 33.56 10.81 15.41
C PRO C 19 33.96 11.18 13.97
N VAL C 20 33.27 10.59 13.00
CA VAL C 20 33.55 10.85 11.58
C VAL C 20 32.22 11.26 10.94
N LEU C 21 32.21 12.39 10.24
CA LEU C 21 31.02 12.89 9.57
C LEU C 21 31.28 12.59 8.11
N VAL C 22 30.43 11.76 7.50
CA VAL C 22 30.64 11.36 6.10
C VAL C 22 29.59 12.02 5.19
N ASP C 23 30.06 12.85 4.27
CA ASP C 23 29.18 13.51 3.34
C ASP C 23 28.99 12.59 2.12
N PHE C 24 27.77 12.06 1.95
CA PHE C 24 27.47 11.23 0.80
C PHE C 24 27.01 12.20 -0.30
N TRP C 25 27.83 12.34 -1.34
CA TRP C 25 27.53 13.29 -2.41
C TRP C 25 27.65 12.72 -3.82
N ALA C 26 27.21 13.53 -4.79
CA ALA C 26 27.29 13.12 -6.19
C ALA C 26 27.64 14.29 -7.11
N ALA C 27 28.22 13.95 -8.25
CA ALA C 27 28.63 14.95 -9.24
C ALA C 27 27.45 15.79 -9.69
N TRP C 28 26.30 15.15 -9.83
CA TRP C 28 25.07 15.80 -10.28
C TRP C 28 24.34 16.62 -9.25
N CYS C 29 24.86 16.65 -8.04
CA CYS C 29 24.18 17.38 -6.98
C CYS C 29 24.65 18.82 -6.81
N GLY C 30 23.85 19.75 -7.33
CA GLY C 30 24.16 21.17 -7.23
C GLY C 30 24.40 21.62 -5.79
N PRO C 31 23.42 21.38 -4.89
CA PRO C 31 23.54 21.75 -3.48
C PRO C 31 24.88 21.34 -2.87
N CYS C 32 25.29 20.10 -3.15
CA CYS C 32 26.54 19.53 -2.67
C CYS C 32 27.74 20.42 -3.00
N ARG C 33 27.73 21.00 -4.19
CA ARG C 33 28.81 21.88 -4.60
C ARG C 33 28.83 23.11 -3.74
N MET C 34 27.65 23.66 -3.48
CA MET C 34 27.52 24.86 -2.67
C MET C 34 27.97 24.61 -1.23
N MET C 35 27.78 23.38 -0.76
CA MET C 35 28.12 23.00 0.60
C MET C 35 29.57 22.56 0.85
N ALA C 36 30.26 22.13 -0.21
CA ALA C 36 31.65 21.68 -0.06
C ALA C 36 32.46 22.71 0.73
N PRO C 37 32.37 23.99 0.36
CA PRO C 37 33.14 25.01 1.09
C PRO C 37 32.67 25.21 2.54
N VAL C 38 31.40 24.99 2.82
CA VAL C 38 30.90 25.12 4.18
C VAL C 38 31.44 23.96 5.02
N LEU C 39 31.46 22.79 4.42
CA LEU C 39 31.95 21.60 5.07
C LEU C 39 33.44 21.75 5.33
N GLU C 40 34.16 22.33 4.39
CA GLU C 40 35.61 22.50 4.51
C GLU C 40 36.03 23.41 5.67
N GLU C 41 35.32 24.51 5.84
CA GLU C 41 35.61 25.46 6.91
C GLU C 41 35.29 24.77 8.22
N PHE C 42 34.18 24.02 8.23
CA PHE C 42 33.74 23.29 9.41
C PHE C 42 34.79 22.25 9.85
N ALA C 43 35.30 21.48 8.90
CA ALA C 43 36.29 20.46 9.20
C ALA C 43 37.49 21.11 9.87
N GLU C 44 38.01 22.16 9.24
CA GLU C 44 39.16 22.90 9.76
C GLU C 44 38.95 23.43 11.17
N ALA C 45 37.77 23.96 11.44
CA ALA C 45 37.46 24.52 12.75
C ALA C 45 37.13 23.51 13.84
N HIS C 46 36.90 22.25 13.48
CA HIS C 46 36.56 21.24 14.47
C HIS C 46 37.34 19.94 14.31
N ALA C 47 38.49 20.01 13.66
CA ALA C 47 39.31 18.83 13.45
C ALA C 47 39.58 18.09 14.76
N ASP C 48 39.60 18.82 15.87
CA ASP C 48 39.85 18.21 17.17
C ASP C 48 38.69 17.35 17.68
N LYS C 49 37.48 17.67 17.23
CA LYS C 49 36.31 16.93 17.69
C LYS C 49 35.78 15.91 16.72
N VAL C 50 35.91 16.21 15.42
CA VAL C 50 35.37 15.31 14.40
C VAL C 50 36.21 15.28 13.12
N THR C 51 36.24 14.12 12.48
CA THR C 51 36.94 13.91 11.23
C THR C 51 35.85 14.10 10.15
N VAL C 52 36.09 14.92 9.14
CA VAL C 52 35.05 15.10 8.11
C VAL C 52 35.52 14.37 6.85
N ALA C 53 34.65 13.57 6.25
CA ALA C 53 35.01 12.80 5.07
C ALA C 53 33.94 12.86 3.97
N LYS C 54 34.33 12.54 2.75
CA LYS C 54 33.38 12.55 1.66
C LYS C 54 33.39 11.18 0.97
N LEU C 55 32.21 10.76 0.52
CA LEU C 55 32.09 9.50 -0.17
C LEU C 55 31.27 9.83 -1.42
N ASN C 56 31.82 9.51 -2.59
CA ASN C 56 31.13 9.82 -3.85
C ASN C 56 30.23 8.63 -4.13
N VAL C 57 28.92 8.85 -4.06
CA VAL C 57 27.97 7.78 -4.26
C VAL C 57 27.99 7.14 -5.64
N ASP C 58 28.31 7.92 -6.66
CA ASP C 58 28.37 7.38 -8.03
C ASP C 58 29.38 6.24 -8.13
N GLU C 59 30.49 6.38 -7.43
CA GLU C 59 31.58 5.38 -7.48
C GLU C 59 31.62 4.37 -6.33
N ASN C 60 30.79 4.59 -5.33
CA ASN C 60 30.79 3.71 -4.17
C ASN C 60 29.39 3.27 -3.80
N PRO C 61 28.80 2.41 -4.63
CA PRO C 61 27.44 1.94 -4.36
C PRO C 61 27.29 1.00 -3.17
N GLU C 62 28.35 0.30 -2.79
CA GLU C 62 28.27 -0.62 -1.65
C GLU C 62 27.95 0.06 -0.32
N THR C 63 28.82 0.98 0.09
CA THR C 63 28.62 1.68 1.34
C THR C 63 27.34 2.48 1.28
N THR C 64 27.10 3.10 0.10
CA THR C 64 25.91 3.90 -0.04
C THR C 64 24.66 3.07 0.16
N SER C 65 24.61 1.86 -0.41
CA SER C 65 23.43 1.04 -0.24
C SER C 65 23.33 0.56 1.21
N GLN C 66 24.47 0.19 1.79
CA GLN C 66 24.55 -0.29 3.16
C GLN C 66 23.82 0.59 4.16
N PHE C 67 24.00 1.89 4.01
CA PHE C 67 23.38 2.84 4.91
C PHE C 67 22.03 3.38 4.47
N GLY C 68 21.48 2.79 3.41
CA GLY C 68 20.17 3.20 2.92
C GLY C 68 19.98 4.62 2.42
N ILE C 69 20.99 5.20 1.79
CA ILE C 69 20.87 6.56 1.26
C ILE C 69 19.69 6.63 0.26
N MET C 70 18.84 7.64 0.42
CA MET C 70 17.69 7.83 -0.45
C MET C 70 17.80 9.12 -1.21
N SER C 71 18.36 10.15 -0.58
CA SER C 71 18.55 11.44 -1.25
C SER C 71 19.95 12.03 -1.06
N ILE C 72 20.30 12.94 -1.95
CA ILE C 72 21.59 13.54 -2.01
C ILE C 72 21.58 15.04 -1.90
N PRO C 73 22.37 15.60 -1.01
CA PRO C 73 23.37 15.36 0.02
C PRO C 73 22.70 14.66 1.27
N THR C 74 23.41 13.64 1.79
CA THR C 74 23.06 13.05 3.10
C THR C 74 24.38 12.95 3.91
N LEU C 75 24.42 13.46 5.13
CA LEU C 75 25.65 13.36 5.93
C LEU C 75 25.33 12.48 7.12
N ILE C 76 26.20 11.52 7.39
CA ILE C 76 25.98 10.62 8.50
C ILE C 76 27.14 10.75 9.45
N LEU C 77 26.80 11.02 10.71
CA LEU C 77 27.78 11.13 11.76
C LEU C 77 27.99 9.72 12.33
N PHE C 78 29.24 9.25 12.41
CA PHE C 78 29.54 7.92 12.96
C PHE C 78 30.24 8.06 14.30
N LYS C 79 29.86 7.20 15.25
CA LYS C 79 30.48 7.21 16.59
C LYS C 79 30.59 5.75 17.02
N GLY C 80 31.79 5.31 17.35
CA GLY C 80 31.95 3.92 17.76
C GLY C 80 31.63 2.98 16.61
N GLY C 81 31.85 3.43 15.38
CA GLY C 81 31.60 2.58 14.22
C GLY C 81 30.13 2.38 13.84
N GLU C 82 29.24 3.18 14.42
CA GLU C 82 27.82 3.06 14.13
C GLU C 82 27.29 4.42 13.72
N PRO C 83 26.29 4.45 12.84
CA PRO C 83 25.73 5.76 12.44
C PRO C 83 24.82 6.24 13.57
N VAL C 84 25.08 7.44 14.08
CA VAL C 84 24.26 7.95 15.17
C VAL C 84 23.41 9.13 14.72
N LYS C 85 23.69 9.64 13.54
CA LYS C 85 22.95 10.78 13.00
C LYS C 85 22.97 10.78 11.48
N GLN C 86 21.82 11.06 10.85
CA GLN C 86 21.74 11.16 9.40
C GLN C 86 21.20 12.57 9.14
N LEU C 87 22.01 13.47 8.58
CA LEU C 87 21.51 14.82 8.31
C LEU C 87 21.08 14.86 6.83
N ILE C 88 19.80 15.09 6.59
CA ILE C 88 19.30 15.08 5.22
C ILE C 88 19.32 16.45 4.55
N GLY C 89 19.95 16.50 3.38
CA GLY C 89 20.02 17.73 2.62
C GLY C 89 21.15 18.71 2.93
N TYR C 90 21.05 19.89 2.33
CA TYR C 90 22.04 20.94 2.51
C TYR C 90 22.13 21.34 3.98
N GLN C 91 23.36 21.48 4.49
CA GLN C 91 23.54 21.86 5.90
C GLN C 91 24.29 23.19 6.05
N PRO C 92 23.59 24.29 6.38
CA PRO C 92 24.29 25.57 6.55
C PRO C 92 25.20 25.45 7.79
N LYS C 93 26.25 26.26 7.85
CA LYS C 93 27.19 26.21 8.98
C LYS C 93 26.51 26.11 10.34
N GLU C 94 25.46 26.90 10.54
CA GLU C 94 24.74 26.91 11.81
C GLU C 94 24.02 25.58 12.11
N GLN C 95 23.51 24.91 11.08
CA GLN C 95 22.82 23.62 11.29
C GLN C 95 23.81 22.55 11.70
N LEU C 96 25.00 22.58 11.11
CA LEU C 96 26.05 21.63 11.44
C LEU C 96 26.46 21.80 12.89
N GLU C 97 26.55 23.05 13.35
CA GLU C 97 26.92 23.34 14.73
C GLU C 97 25.83 22.82 15.66
N ALA C 98 24.59 23.18 15.38
CA ALA C 98 23.46 22.76 16.18
C ALA C 98 23.37 21.24 16.24
N GLN C 99 23.20 20.62 15.08
CA GLN C 99 23.06 19.18 14.95
C GLN C 99 24.17 18.32 15.56
N LEU C 100 25.41 18.79 15.47
CA LEU C 100 26.54 18.03 16.01
C LEU C 100 27.00 18.60 17.36
N ALA C 101 26.10 19.34 18.00
CA ALA C 101 26.38 19.95 19.31
C ALA C 101 27.02 18.98 20.28
N ASP C 102 26.47 17.79 20.39
CA ASP C 102 27.00 16.79 21.30
C ASP C 102 28.50 16.54 21.08
N VAL C 103 28.86 16.03 19.91
CA VAL C 103 30.27 15.76 19.61
C VAL C 103 31.21 16.95 19.74
N LEU C 104 30.70 18.17 19.58
CA LEU C 104 31.55 19.36 19.67
C LEU C 104 31.77 19.78 21.13
N GLN C 105 32.66 19.09 21.83
CA GLN C 105 32.92 19.38 23.24
C GLN C 105 34.35 19.06 23.66
N ALA D 1 6.16 -5.63 23.74
CA ALA D 1 5.56 -4.57 24.60
C ALA D 1 6.37 -3.28 24.51
N THR D 2 5.81 -2.27 23.86
CA THR D 2 6.48 -0.98 23.69
C THR D 2 5.89 0.11 24.60
N MET D 3 6.75 0.95 25.14
CA MET D 3 6.30 2.04 26.02
C MET D 3 5.94 3.26 25.18
N THR D 4 5.05 4.10 25.71
CA THR D 4 4.71 5.33 25.03
C THR D 4 5.54 6.36 25.77
N LEU D 5 6.41 7.08 25.08
CA LEU D 5 7.20 8.09 25.76
C LEU D 5 6.66 9.47 25.42
N THR D 6 6.84 10.41 26.32
CA THR D 6 6.34 11.78 26.16
C THR D 6 7.46 12.72 26.57
N ASP D 7 7.30 14.01 26.29
CA ASP D 7 8.33 14.96 26.69
C ASP D 7 8.51 14.84 28.21
N ALA D 8 7.42 14.54 28.90
CA ALA D 8 7.45 14.42 30.35
C ALA D 8 8.27 13.26 30.92
N ASN D 9 8.12 12.07 30.36
CA ASN D 9 8.84 10.93 30.91
C ASN D 9 10.02 10.46 30.04
N PHE D 10 10.33 11.21 28.99
CA PHE D 10 11.41 10.78 28.09
C PHE D 10 12.77 10.59 28.76
N GLN D 11 13.31 11.64 29.37
CA GLN D 11 14.62 11.53 30.00
C GLN D 11 14.67 10.40 31.02
N GLN D 12 13.60 10.26 31.79
CA GLN D 12 13.51 9.20 32.81
C GLN D 12 13.72 7.80 32.20
N ALA D 13 13.19 7.60 31.00
CA ALA D 13 13.31 6.31 30.32
C ALA D 13 14.70 6.09 29.73
N ILE D 14 15.16 7.01 28.90
CA ILE D 14 16.47 6.79 28.29
C ILE D 14 17.69 6.90 29.19
N GLN D 15 17.53 7.53 30.35
CA GLN D 15 18.65 7.72 31.25
C GLN D 15 19.09 6.57 32.14
N GLY D 16 18.23 5.56 32.25
CA GLY D 16 18.55 4.46 33.13
C GLY D 16 19.25 3.21 32.64
N ASP D 17 18.93 2.17 33.39
CA ASP D 17 19.43 0.81 33.25
C ASP D 17 19.78 0.30 31.86
N LYS D 18 18.82 -0.34 31.23
CA LYS D 18 19.10 -0.91 29.94
C LYS D 18 18.87 0.02 28.77
N PRO D 19 19.31 -0.44 27.59
CA PRO D 19 19.15 0.36 26.38
C PRO D 19 17.67 0.61 26.09
N VAL D 20 17.41 1.70 25.37
CA VAL D 20 16.06 2.04 25.00
C VAL D 20 16.01 2.38 23.51
N LEU D 21 15.13 1.73 22.76
CA LEU D 21 14.97 2.00 21.33
C LEU D 21 13.69 2.82 21.14
N VAL D 22 13.84 4.05 20.67
CA VAL D 22 12.71 4.96 20.47
C VAL D 22 12.33 5.15 19.01
N ASP D 23 11.04 4.95 18.72
CA ASP D 23 10.48 5.12 17.39
C ASP D 23 9.80 6.49 17.31
N PHE D 24 10.41 7.43 16.61
CA PHE D 24 9.80 8.77 16.45
C PHE D 24 8.91 8.68 15.23
N TRP D 25 7.60 8.84 15.43
CA TRP D 25 6.64 8.71 14.34
C TRP D 25 5.64 9.87 14.25
N ALA D 26 4.79 9.82 13.22
CA ALA D 26 3.76 10.83 13.00
C ALA D 26 2.56 10.19 12.31
N ALA D 27 1.39 10.77 12.49
CA ALA D 27 0.15 10.26 11.89
C ALA D 27 0.22 10.14 10.38
N TRP D 28 0.97 11.05 9.76
CA TRP D 28 1.11 11.06 8.29
C TRP D 28 2.23 10.16 7.77
N CYS D 29 2.94 9.53 8.66
CA CYS D 29 4.05 8.69 8.24
C CYS D 29 3.65 7.53 7.33
N GLY D 30 4.38 7.36 6.23
CA GLY D 30 4.03 6.29 5.32
C GLY D 30 4.20 4.87 5.86
N PRO D 31 5.44 4.44 6.06
CA PRO D 31 5.73 3.08 6.56
C PRO D 31 5.55 2.79 8.05
N CYS D 32 5.16 3.78 8.86
CA CYS D 32 5.02 3.52 10.29
C CYS D 32 3.99 2.49 10.67
N ARG D 33 2.79 2.58 10.08
CA ARG D 33 1.77 1.62 10.39
C ARG D 33 2.29 0.21 10.10
N MET D 34 2.90 0.04 8.93
CA MET D 34 3.44 -1.27 8.55
C MET D 34 4.52 -1.77 9.50
N MET D 35 5.27 -0.83 10.06
CA MET D 35 6.35 -1.16 10.97
C MET D 35 5.96 -1.50 12.40
N ALA D 36 4.77 -1.10 12.81
CA ALA D 36 4.31 -1.35 14.19
C ALA D 36 4.45 -2.80 14.71
N PRO D 37 3.90 -3.78 13.97
CA PRO D 37 4.01 -5.17 14.44
C PRO D 37 5.45 -5.66 14.43
N VAL D 38 6.26 -5.11 13.53
CA VAL D 38 7.66 -5.49 13.41
C VAL D 38 8.43 -5.03 14.65
N LEU D 39 8.21 -3.78 15.04
CA LEU D 39 8.87 -3.26 16.24
C LEU D 39 8.43 -4.01 17.49
N GLU D 40 7.13 -4.33 17.56
CA GLU D 40 6.62 -5.05 18.71
C GLU D 40 7.29 -6.42 18.88
N GLU D 41 7.39 -7.17 17.79
CA GLU D 41 7.98 -8.51 17.84
C GLU D 41 9.49 -8.52 18.11
N PHE D 42 10.20 -7.56 17.51
CA PHE D 42 11.64 -7.42 17.73
C PHE D 42 11.84 -7.12 19.23
N ALA D 43 11.02 -6.21 19.74
CA ALA D 43 11.07 -5.85 21.16
C ALA D 43 10.90 -7.09 22.04
N GLU D 44 9.87 -7.88 21.75
CA GLU D 44 9.63 -9.06 22.57
C GLU D 44 10.79 -10.06 22.52
N ALA D 45 11.33 -10.27 21.33
CA ALA D 45 12.44 -11.22 21.18
C ALA D 45 13.72 -10.75 21.88
N HIS D 46 13.79 -9.47 22.23
CA HIS D 46 15.00 -8.97 22.92
C HIS D 46 14.69 -8.20 24.17
N ALA D 47 13.55 -8.52 24.78
CA ALA D 47 13.10 -7.82 25.97
C ALA D 47 14.14 -7.67 27.11
N ASP D 48 14.98 -8.67 27.32
CA ASP D 48 15.97 -8.57 28.39
C ASP D 48 17.06 -7.56 28.08
N LYS D 49 17.23 -7.28 26.79
CA LYS D 49 18.31 -6.41 26.34
C LYS D 49 17.96 -5.00 25.96
N VAL D 50 16.69 -4.77 25.71
CA VAL D 50 16.27 -3.45 25.29
C VAL D 50 14.81 -3.17 25.59
N THR D 51 14.51 -1.91 25.80
CA THR D 51 13.14 -1.47 26.01
C THR D 51 12.79 -0.70 24.73
N VAL D 52 11.69 -1.08 24.09
CA VAL D 52 11.25 -0.41 22.87
C VAL D 52 10.13 0.55 23.20
N ALA D 53 10.25 1.78 22.71
CA ALA D 53 9.27 2.84 22.98
C ALA D 53 8.92 3.62 21.73
N LYS D 54 7.79 4.32 21.78
CA LYS D 54 7.32 5.15 20.68
C LYS D 54 7.13 6.58 21.16
N LEU D 55 7.47 7.53 20.30
CA LEU D 55 7.29 8.93 20.63
C LEU D 55 6.65 9.66 19.47
N ASN D 56 5.44 10.16 19.69
CA ASN D 56 4.75 10.90 18.65
C ASN D 56 5.35 12.31 18.64
N VAL D 57 5.97 12.68 17.52
CA VAL D 57 6.64 13.96 17.38
C VAL D 57 5.73 15.19 17.48
N ASP D 58 4.52 15.04 16.99
CA ASP D 58 3.56 16.14 17.03
C ASP D 58 3.28 16.47 18.52
N GLU D 59 2.80 15.47 19.25
CA GLU D 59 2.48 15.62 20.67
C GLU D 59 3.68 15.95 21.57
N ASN D 60 4.89 15.59 21.14
CA ASN D 60 6.09 15.84 21.95
C ASN D 60 7.18 16.53 21.15
N PRO D 61 6.97 17.83 20.85
CA PRO D 61 7.88 18.68 20.07
C PRO D 61 9.25 18.92 20.72
N GLU D 62 9.29 18.91 22.04
CA GLU D 62 10.55 19.19 22.70
C GLU D 62 11.61 18.12 22.51
N THR D 63 11.25 16.87 22.76
CA THR D 63 12.20 15.78 22.62
C THR D 63 12.56 15.67 21.13
N THR D 64 11.55 15.79 20.27
CA THR D 64 11.76 15.71 18.82
C THR D 64 12.82 16.72 18.38
N SER D 65 12.64 17.97 18.76
CA SER D 65 13.59 19.02 18.41
C SER D 65 14.97 18.79 19.02
N GLN D 66 15.02 18.35 20.29
CA GLN D 66 16.29 18.10 20.95
C GLN D 66 17.18 17.08 20.23
N PHE D 67 16.56 16.10 19.59
CA PHE D 67 17.34 15.07 18.91
C PHE D 67 17.46 15.28 17.41
N GLY D 68 17.12 16.49 16.97
CA GLY D 68 17.22 16.86 15.57
C GLY D 68 16.51 15.95 14.59
N ILE D 69 15.33 15.46 14.96
CA ILE D 69 14.60 14.57 14.06
C ILE D 69 14.24 15.30 12.76
N MET D 70 14.43 14.62 11.64
CA MET D 70 14.11 15.17 10.32
C MET D 70 13.22 14.18 9.56
N SER D 71 13.61 12.92 9.58
CA SER D 71 12.89 11.88 8.86
C SER D 71 11.93 11.15 9.77
N ILE D 72 10.81 10.74 9.18
CA ILE D 72 9.83 10.00 9.91
C ILE D 72 9.59 8.76 9.05
N PRO D 73 9.78 7.58 9.62
CA PRO D 73 10.21 7.41 11.01
C PRO D 73 11.72 7.46 11.24
N THR D 74 12.10 7.72 12.49
CA THR D 74 13.49 7.70 12.91
C THR D 74 13.53 6.82 14.13
N LEU D 75 14.45 5.86 14.15
CA LEU D 75 14.62 4.98 15.30
C LEU D 75 15.94 5.36 15.93
N ILE D 76 15.97 5.61 17.24
CA ILE D 76 17.22 5.94 17.88
C ILE D 76 17.42 4.97 19.04
N LEU D 77 18.54 4.29 19.06
CA LEU D 77 18.82 3.38 20.16
C LEU D 77 19.67 4.13 21.15
N PHE D 78 19.17 4.18 22.37
CA PHE D 78 19.84 4.85 23.47
C PHE D 78 20.48 3.81 24.38
N LYS D 79 21.71 4.10 24.80
CA LYS D 79 22.51 3.27 25.70
C LYS D 79 23.05 4.25 26.73
N GLY D 80 23.22 3.79 27.97
CA GLY D 80 23.66 4.74 28.98
C GLY D 80 22.57 5.78 28.80
N GLY D 81 22.93 7.04 28.62
CA GLY D 81 21.92 8.07 28.40
C GLY D 81 21.96 8.74 27.04
N GLU D 82 22.75 8.20 26.11
CA GLU D 82 22.88 8.83 24.79
C GLU D 82 22.62 7.91 23.59
N PRO D 83 22.37 8.51 22.41
CA PRO D 83 22.13 7.71 21.21
C PRO D 83 23.41 6.96 20.85
N VAL D 84 23.29 5.69 20.49
CA VAL D 84 24.43 4.88 20.08
C VAL D 84 24.23 4.43 18.63
N LYS D 85 23.02 4.58 18.10
CA LYS D 85 22.74 4.21 16.73
C LYS D 85 21.40 4.74 16.28
N GLN D 86 21.33 5.13 15.01
CA GLN D 86 20.08 5.65 14.46
C GLN D 86 19.79 5.04 13.11
N LEU D 87 18.53 4.76 12.87
CA LEU D 87 18.06 4.21 11.60
C LEU D 87 16.95 5.12 11.12
N ILE D 88 16.85 5.35 9.81
CA ILE D 88 15.74 6.15 9.31
C ILE D 88 14.95 5.35 8.28
N GLY D 89 13.65 5.62 8.22
CA GLY D 89 12.77 4.96 7.27
C GLY D 89 12.31 3.58 7.66
N TYR D 90 11.50 2.97 6.80
CA TYR D 90 10.94 1.64 7.05
C TYR D 90 12.03 0.60 7.32
N GLN D 91 11.80 -0.28 8.30
CA GLN D 91 12.76 -1.36 8.58
C GLN D 91 11.99 -2.66 8.87
N PRO D 92 12.22 -3.72 8.07
CA PRO D 92 11.53 -4.99 8.32
C PRO D 92 12.19 -5.59 9.56
N LYS D 93 11.62 -6.65 10.11
CA LYS D 93 12.21 -7.20 11.33
C LYS D 93 13.66 -7.64 11.16
N GLU D 94 13.95 -8.34 10.07
CA GLU D 94 15.32 -8.81 9.85
C GLU D 94 16.35 -7.69 9.75
N GLN D 95 15.91 -6.48 9.40
CA GLN D 95 16.84 -5.34 9.34
C GLN D 95 17.05 -4.78 10.75
N LEU D 96 15.98 -4.75 11.54
CA LEU D 96 16.14 -4.34 12.93
C LEU D 96 17.13 -5.34 13.55
N GLU D 97 16.99 -6.61 13.23
CA GLU D 97 17.90 -7.63 13.75
C GLU D 97 19.35 -7.38 13.32
N ALA D 98 19.55 -7.26 12.02
CA ALA D 98 20.87 -7.02 11.45
C ALA D 98 21.52 -5.74 11.95
N GLN D 99 20.72 -4.69 12.11
CA GLN D 99 21.24 -3.41 12.57
C GLN D 99 21.43 -3.19 14.06
N LEU D 100 20.55 -3.78 14.86
CA LEU D 100 20.60 -3.53 16.29
C LEU D 100 20.95 -4.65 17.25
N ALA D 101 20.70 -5.88 16.86
CA ALA D 101 20.92 -7.00 17.75
C ALA D 101 22.32 -7.10 18.33
N ASP D 102 23.33 -6.89 17.49
CA ASP D 102 24.72 -6.97 17.97
C ASP D 102 25.07 -5.84 18.92
N VAL D 103 24.55 -4.64 18.67
CA VAL D 103 24.85 -3.51 19.54
C VAL D 103 24.13 -3.65 20.89
N LEU D 104 23.18 -4.59 21.00
CA LEU D 104 22.46 -4.79 22.26
C LEU D 104 23.03 -5.88 23.16
N GLN D 105 24.09 -6.56 22.69
CA GLN D 105 24.73 -7.65 23.42
C GLN D 105 23.86 -8.92 23.35
N ALA E 1 -25.52 -18.32 22.11
CA ALA E 1 -25.71 -16.85 22.12
C ALA E 1 -24.61 -16.15 21.30
N THR E 2 -24.88 -14.89 20.95
CA THR E 2 -23.94 -14.10 20.14
C THR E 2 -23.41 -12.85 20.85
N MET E 3 -22.13 -12.57 20.64
CA MET E 3 -21.44 -11.43 21.23
C MET E 3 -21.18 -10.29 20.25
N THR E 4 -21.51 -9.06 20.65
CA THR E 4 -21.30 -7.91 19.79
C THR E 4 -19.90 -7.33 19.97
N LEU E 5 -19.15 -7.19 18.88
CA LEU E 5 -17.81 -6.63 18.97
C LEU E 5 -17.74 -5.25 18.33
N THR E 6 -16.73 -4.46 18.73
CA THR E 6 -16.54 -3.11 18.21
C THR E 6 -15.04 -2.88 17.99
N ASP E 7 -14.68 -1.80 17.31
CA ASP E 7 -13.26 -1.54 17.09
C ASP E 7 -12.54 -1.38 18.44
N ALA E 8 -13.27 -0.91 19.44
CA ALA E 8 -12.70 -0.70 20.77
C ALA E 8 -12.45 -1.98 21.57
N ASN E 9 -13.36 -2.96 21.51
CA ASN E 9 -13.18 -4.19 22.28
C ASN E 9 -12.71 -5.41 21.51
N PHE E 10 -12.57 -5.29 20.19
CA PHE E 10 -12.16 -6.40 19.35
C PHE E 10 -10.90 -7.15 19.81
N GLN E 11 -9.82 -6.41 20.04
CA GLN E 11 -8.58 -7.04 20.45
C GLN E 11 -8.69 -7.90 21.72
N GLN E 12 -9.27 -7.37 22.78
CA GLN E 12 -9.41 -8.16 24.00
C GLN E 12 -10.23 -9.43 23.70
N ALA E 13 -11.25 -9.27 22.86
CA ALA E 13 -12.11 -10.40 22.49
C ALA E 13 -11.35 -11.57 21.87
N ILE E 14 -10.42 -11.29 20.97
CA ILE E 14 -9.69 -12.38 20.33
C ILE E 14 -8.44 -12.82 21.09
N GLN E 15 -8.24 -12.26 22.28
CA GLN E 15 -7.12 -12.66 23.11
C GLN E 15 -7.78 -13.54 24.17
N GLY E 16 -8.94 -14.08 23.81
CA GLY E 16 -9.70 -14.95 24.70
C GLY E 16 -9.28 -16.41 24.77
N ASP E 17 -9.94 -17.15 25.66
CA ASP E 17 -9.65 -18.58 25.87
C ASP E 17 -9.91 -19.44 24.63
N LYS E 18 -11.19 -19.60 24.33
CA LYS E 18 -11.58 -20.42 23.20
C LYS E 18 -11.58 -19.59 21.91
N PRO E 19 -11.50 -20.26 20.74
CA PRO E 19 -11.49 -19.59 19.44
C PRO E 19 -12.71 -18.68 19.31
N VAL E 20 -12.62 -17.68 18.44
CA VAL E 20 -13.70 -16.74 18.24
C VAL E 20 -14.04 -16.64 16.78
N LEU E 21 -15.31 -16.85 16.46
CA LEU E 21 -15.76 -16.75 15.06
C LEU E 21 -16.44 -15.38 14.94
N VAL E 22 -15.88 -14.51 14.09
CA VAL E 22 -16.42 -13.16 13.96
C VAL E 22 -17.12 -12.98 12.64
N ASP E 23 -18.39 -12.60 12.70
CA ASP E 23 -19.19 -12.37 11.49
C ASP E 23 -19.15 -10.89 11.13
N PHE E 24 -18.50 -10.57 10.02
CA PHE E 24 -18.42 -9.20 9.53
C PHE E 24 -19.69 -8.99 8.69
N TRP E 25 -20.63 -8.20 9.20
CA TRP E 25 -21.89 -7.98 8.49
C TRP E 25 -22.23 -6.49 8.42
N ALA E 26 -23.33 -6.20 7.71
CA ALA E 26 -23.82 -4.83 7.53
C ALA E 26 -25.35 -4.88 7.36
N ALA E 27 -26.04 -3.83 7.82
CA ALA E 27 -27.50 -3.77 7.73
C ALA E 27 -27.98 -3.95 6.29
N TRP E 28 -27.21 -3.44 5.33
CA TRP E 28 -27.59 -3.56 3.92
C TRP E 28 -27.34 -4.94 3.30
N CYS E 29 -26.84 -5.86 4.11
CA CYS E 29 -26.54 -7.19 3.62
C CYS E 29 -27.70 -8.19 3.74
N GLY E 30 -28.32 -8.51 2.61
CA GLY E 30 -29.44 -9.45 2.58
C GLY E 30 -29.05 -10.86 2.99
N PRO E 31 -27.95 -11.40 2.43
CA PRO E 31 -27.55 -12.76 2.81
C PRO E 31 -27.34 -12.85 4.32
N CYS E 32 -26.84 -11.77 4.92
CA CYS E 32 -26.58 -11.74 6.35
C CYS E 32 -27.83 -11.93 7.18
N ARG E 33 -28.92 -11.29 6.75
CA ARG E 33 -30.18 -11.40 7.46
C ARG E 33 -30.66 -12.83 7.48
N MET E 34 -30.46 -13.55 6.38
CA MET E 34 -30.87 -14.95 6.33
C MET E 34 -29.91 -15.81 7.14
N MET E 35 -28.64 -15.44 7.16
CA MET E 35 -27.63 -16.18 7.90
C MET E 35 -27.72 -16.02 9.41
N ALA E 36 -28.32 -14.92 9.87
CA ALA E 36 -28.41 -14.67 11.32
C ALA E 36 -28.89 -15.85 12.16
N PRO E 37 -30.09 -16.38 11.89
CA PRO E 37 -30.56 -17.51 12.70
C PRO E 37 -29.64 -18.73 12.57
N VAL E 38 -29.00 -18.89 11.43
CA VAL E 38 -28.08 -20.01 11.23
C VAL E 38 -26.84 -19.86 12.13
N LEU E 39 -26.31 -18.65 12.25
CA LEU E 39 -25.15 -18.47 13.13
C LEU E 39 -25.54 -18.62 14.60
N GLU E 40 -26.74 -18.17 14.95
CA GLU E 40 -27.20 -18.29 16.33
C GLU E 40 -27.30 -19.78 16.69
N GLU E 41 -27.90 -20.56 15.81
CA GLU E 41 -28.03 -22.01 16.06
C GLU E 41 -26.63 -22.65 16.16
N PHE E 42 -25.71 -22.21 15.30
CA PHE E 42 -24.34 -22.77 15.35
C PHE E 42 -23.69 -22.42 16.69
N ALA E 43 -23.93 -21.19 17.13
CA ALA E 43 -23.35 -20.74 18.39
C ALA E 43 -23.86 -21.57 19.54
N GLU E 44 -25.17 -21.81 19.54
CA GLU E 44 -25.77 -22.59 20.63
C GLU E 44 -25.29 -24.02 20.65
N ALA E 45 -24.98 -24.58 19.48
CA ALA E 45 -24.52 -25.96 19.40
C ALA E 45 -23.01 -26.10 19.64
N HIS E 46 -22.31 -24.97 19.70
CA HIS E 46 -20.85 -24.99 19.90
C HIS E 46 -20.36 -24.07 21.01
N ALA E 47 -21.23 -23.81 21.98
CA ALA E 47 -20.89 -22.93 23.10
C ALA E 47 -19.59 -23.31 23.84
N ASP E 48 -19.31 -24.61 23.92
CA ASP E 48 -18.12 -25.10 24.64
C ASP E 48 -16.82 -25.03 23.82
N LYS E 49 -16.99 -24.91 22.52
CA LYS E 49 -15.87 -24.90 21.59
C LYS E 49 -15.48 -23.56 20.98
N VAL E 50 -16.44 -22.63 20.89
CA VAL E 50 -16.12 -21.36 20.25
C VAL E 50 -17.07 -20.27 20.72
N THR E 51 -16.60 -19.04 20.53
CA THR E 51 -17.38 -17.87 20.85
C THR E 51 -17.74 -17.22 19.50
N VAL E 52 -19.04 -17.08 19.24
CA VAL E 52 -19.52 -16.44 18.00
C VAL E 52 -19.82 -14.97 18.30
N ALA E 53 -19.28 -14.10 17.46
CA ALA E 53 -19.42 -12.68 17.67
C ALA E 53 -19.81 -11.96 16.39
N LYS E 54 -20.34 -10.76 16.54
CA LYS E 54 -20.74 -10.01 15.37
C LYS E 54 -20.09 -8.66 15.33
N LEU E 55 -19.61 -8.27 14.16
CA LEU E 55 -18.97 -6.96 14.01
C LEU E 55 -19.65 -6.25 12.84
N ASN E 56 -20.35 -5.16 13.13
CA ASN E 56 -21.06 -4.40 12.11
C ASN E 56 -20.02 -3.55 11.40
N VAL E 57 -19.76 -3.86 10.13
CA VAL E 57 -18.74 -3.14 9.41
C VAL E 57 -19.08 -1.68 9.16
N ASP E 58 -20.36 -1.34 9.14
CA ASP E 58 -20.77 0.05 8.94
C ASP E 58 -20.25 0.98 10.03
N GLU E 59 -20.07 0.45 11.23
CA GLU E 59 -19.62 1.29 12.35
C GLU E 59 -18.28 0.95 12.95
N ASN E 60 -17.57 0.01 12.34
CA ASN E 60 -16.27 -0.44 12.83
C ASN E 60 -15.30 -0.66 11.66
N PRO E 61 -14.93 0.41 10.96
CA PRO E 61 -14.02 0.39 9.81
C PRO E 61 -12.59 -0.05 10.14
N GLU E 62 -12.13 0.24 11.36
CA GLU E 62 -10.77 -0.14 11.77
C GLU E 62 -10.49 -1.64 11.67
N THR E 63 -11.30 -2.43 12.37
CA THR E 63 -11.13 -3.89 12.38
C THR E 63 -11.40 -4.49 11.01
N THR E 64 -12.40 -3.97 10.33
CA THR E 64 -12.79 -4.48 9.03
C THR E 64 -11.63 -4.27 8.02
N SER E 65 -10.99 -3.11 8.06
CA SER E 65 -9.91 -2.81 7.13
C SER E 65 -8.63 -3.59 7.47
N GLN E 66 -8.39 -3.79 8.77
CA GLN E 66 -7.20 -4.54 9.20
C GLN E 66 -7.18 -5.95 8.63
N PHE E 67 -8.38 -6.53 8.50
CA PHE E 67 -8.47 -7.89 7.99
C PHE E 67 -8.72 -8.04 6.49
N GLY E 68 -8.63 -6.92 5.78
CA GLY E 68 -8.79 -6.92 4.34
C GLY E 68 -10.11 -7.46 3.79
N ILE E 69 -11.20 -7.19 4.48
CA ILE E 69 -12.52 -7.65 4.05
C ILE E 69 -12.82 -7.04 2.69
N MET E 70 -13.34 -7.85 1.76
CA MET E 70 -13.67 -7.39 0.42
C MET E 70 -15.17 -7.56 0.14
N SER E 71 -15.79 -8.56 0.75
CA SER E 71 -17.23 -8.75 0.54
C SER E 71 -17.91 -9.11 1.85
N ILE E 72 -19.19 -8.75 1.93
CA ILE E 72 -20.03 -9.00 3.10
C ILE E 72 -21.13 -10.00 2.66
N PRO E 73 -21.34 -11.07 3.46
CA PRO E 73 -20.61 -11.34 4.70
C PRO E 73 -19.29 -12.08 4.57
N THR E 74 -18.49 -11.99 5.61
CA THR E 74 -17.23 -12.72 5.68
C THR E 74 -17.14 -13.12 7.14
N LEU E 75 -16.79 -14.37 7.41
CA LEU E 75 -16.65 -14.86 8.78
C LEU E 75 -15.18 -15.21 8.89
N ILE E 76 -14.57 -14.86 10.01
CA ILE E 76 -13.18 -15.17 10.22
C ILE E 76 -13.07 -15.88 11.55
N LEU E 77 -12.40 -17.03 11.54
CA LEU E 77 -12.19 -17.77 12.79
C LEU E 77 -10.80 -17.39 13.30
N PHE E 78 -10.77 -16.90 14.55
CA PHE E 78 -9.53 -16.52 15.19
C PHE E 78 -9.21 -17.59 16.21
N LYS E 79 -7.96 -18.06 16.15
CA LYS E 79 -7.47 -19.07 17.08
C LYS E 79 -6.08 -18.59 17.50
N GLY E 80 -5.87 -18.47 18.80
CA GLY E 80 -4.59 -18.01 19.29
C GLY E 80 -4.34 -16.57 18.90
N GLY E 81 -5.44 -15.83 18.70
CA GLY E 81 -5.34 -14.43 18.32
C GLY E 81 -5.03 -14.16 16.84
N GLU E 82 -5.03 -15.20 16.02
CA GLU E 82 -4.73 -15.07 14.60
C GLU E 82 -5.88 -15.61 13.72
N PRO E 83 -6.15 -14.98 12.56
CA PRO E 83 -7.22 -15.46 11.69
C PRO E 83 -6.74 -16.76 11.06
N VAL E 84 -7.47 -17.85 11.28
CA VAL E 84 -7.07 -19.13 10.71
C VAL E 84 -8.07 -19.65 9.66
N LYS E 85 -9.18 -18.94 9.52
CA LYS E 85 -10.18 -19.31 8.53
C LYS E 85 -10.89 -18.06 8.07
N GLN E 86 -11.25 -18.03 6.79
CA GLN E 86 -11.97 -16.91 6.24
C GLN E 86 -13.06 -17.47 5.36
N LEU E 87 -14.29 -17.47 5.88
CA LEU E 87 -15.43 -17.99 5.14
C LEU E 87 -16.11 -16.83 4.40
N ILE E 88 -16.15 -16.93 3.08
CA ILE E 88 -16.72 -15.89 2.23
C ILE E 88 -18.17 -16.17 1.87
N GLY E 89 -19.04 -15.21 2.16
CA GLY E 89 -20.44 -15.36 1.81
C GLY E 89 -21.30 -16.19 2.74
N TYR E 90 -22.53 -16.42 2.32
CA TYR E 90 -23.49 -17.20 3.09
C TYR E 90 -22.95 -18.59 3.44
N GLN E 91 -23.14 -19.00 4.70
CA GLN E 91 -22.68 -20.32 5.09
C GLN E 91 -23.82 -21.17 5.64
N PRO E 92 -24.21 -22.22 4.90
CA PRO E 92 -25.30 -23.04 5.45
C PRO E 92 -24.77 -23.75 6.70
N LYS E 93 -25.70 -24.23 7.53
CA LYS E 93 -25.38 -24.98 8.74
C LYS E 93 -24.30 -26.02 8.44
N GLU E 94 -24.49 -26.78 7.36
CA GLU E 94 -23.54 -27.84 6.98
C GLU E 94 -22.14 -27.36 6.57
N GLN E 95 -22.04 -26.15 6.05
CA GLN E 95 -20.73 -25.62 5.66
C GLN E 95 -19.97 -25.10 6.87
N LEU E 96 -20.68 -24.52 7.85
CA LEU E 96 -20.01 -24.04 9.06
C LEU E 96 -19.41 -25.28 9.71
N GLU E 97 -20.21 -26.34 9.76
CA GLU E 97 -19.76 -27.60 10.36
C GLU E 97 -18.55 -28.17 9.62
N ALA E 98 -18.67 -28.36 8.31
CA ALA E 98 -17.58 -28.91 7.54
C ALA E 98 -16.33 -28.06 7.62
N GLN E 99 -16.47 -26.77 7.38
CA GLN E 99 -15.33 -25.86 7.38
C GLN E 99 -14.60 -25.61 8.70
N LEU E 100 -15.32 -25.68 9.81
CA LEU E 100 -14.73 -25.37 11.11
C LEU E 100 -14.43 -26.54 12.04
N ALA E 101 -14.85 -27.74 11.68
CA ALA E 101 -14.62 -28.91 12.51
C ALA E 101 -13.17 -29.21 12.83
N ASP E 102 -12.30 -29.18 11.82
CA ASP E 102 -10.89 -29.47 12.06
C ASP E 102 -10.25 -28.50 13.05
N VAL E 103 -10.51 -27.21 12.89
CA VAL E 103 -9.93 -26.20 13.77
C VAL E 103 -10.53 -26.10 15.17
N LEU E 104 -11.71 -26.64 15.39
CA LEU E 104 -12.30 -26.56 16.72
C LEU E 104 -12.18 -27.86 17.49
N GLN E 105 -11.46 -28.81 16.90
CA GLN E 105 -11.18 -30.14 17.46
C GLN E 105 -12.28 -30.82 18.28
N ALA F 1 11.70 -18.54 -5.32
CA ALA F 1 12.66 -19.42 -4.58
C ALA F 1 11.88 -20.31 -3.61
N THR F 2 10.80 -20.91 -4.11
CA THR F 2 9.91 -21.74 -3.32
C THR F 2 9.82 -23.20 -3.81
N MET F 3 9.35 -24.08 -2.94
CA MET F 3 9.20 -25.47 -3.32
C MET F 3 7.79 -25.77 -3.78
N THR F 4 7.66 -26.69 -4.73
CA THR F 4 6.37 -27.06 -5.27
C THR F 4 5.77 -28.27 -4.57
N LEU F 5 4.62 -28.07 -3.95
CA LEU F 5 3.95 -29.16 -3.24
C LEU F 5 2.78 -29.68 -4.07
N THR F 6 2.53 -30.98 -3.90
CA THR F 6 1.48 -31.73 -4.59
C THR F 6 0.72 -32.51 -3.52
N ASP F 7 -0.45 -33.03 -3.89
CA ASP F 7 -1.25 -33.83 -2.95
C ASP F 7 -0.43 -35.00 -2.42
N ALA F 8 0.51 -35.45 -3.24
CA ALA F 8 1.36 -36.57 -2.87
C ALA F 8 2.40 -36.20 -1.83
N ASN F 9 3.11 -35.09 -2.04
CA ASN F 9 4.18 -34.69 -1.12
C ASN F 9 3.83 -33.60 -0.10
N PHE F 10 2.59 -33.12 -0.12
CA PHE F 10 2.18 -32.06 0.80
C PHE F 10 2.29 -32.47 2.26
N GLN F 11 1.57 -33.52 2.64
CA GLN F 11 1.57 -34.00 4.01
C GLN F 11 2.97 -34.10 4.60
N GLN F 12 3.90 -34.67 3.83
CA GLN F 12 5.28 -34.81 4.27
C GLN F 12 5.93 -33.44 4.49
N ALA F 13 5.66 -32.50 3.59
CA ALA F 13 6.24 -31.17 3.69
C ALA F 13 5.88 -30.39 4.95
N ILE F 14 4.62 -30.47 5.41
CA ILE F 14 4.22 -29.72 6.59
C ILE F 14 4.56 -30.41 7.90
N GLN F 15 5.28 -31.52 7.81
CA GLN F 15 5.65 -32.28 9.00
C GLN F 15 6.99 -31.86 9.61
N GLY F 16 7.80 -31.11 8.86
CA GLY F 16 9.08 -30.66 9.38
C GLY F 16 8.97 -29.72 10.56
N ASP F 17 10.09 -29.39 11.18
CA ASP F 17 10.10 -28.50 12.33
C ASP F 17 9.87 -27.07 11.88
N LYS F 18 10.55 -26.70 10.81
CA LYS F 18 10.49 -25.37 10.20
C LYS F 18 9.09 -25.01 9.66
N PRO F 19 8.52 -23.88 10.11
CA PRO F 19 7.20 -23.45 9.62
C PRO F 19 7.12 -23.44 8.10
N VAL F 20 5.96 -23.79 7.57
CA VAL F 20 5.73 -23.81 6.13
C VAL F 20 4.60 -22.88 5.71
N LEU F 21 4.93 -21.93 4.84
CA LEU F 21 3.97 -20.98 4.30
C LEU F 21 3.56 -21.52 2.92
N VAL F 22 2.33 -21.97 2.81
CA VAL F 22 1.84 -22.53 1.54
C VAL F 22 0.95 -21.56 0.76
N ASP F 23 1.36 -21.30 -0.47
CA ASP F 23 0.66 -20.41 -1.39
C ASP F 23 -0.25 -21.26 -2.28
N PHE F 24 -1.57 -21.20 -2.04
CA PHE F 24 -2.54 -21.93 -2.86
C PHE F 24 -2.88 -20.99 -4.03
N TRP F 25 -2.50 -21.39 -5.24
CA TRP F 25 -2.71 -20.54 -6.42
C TRP F 25 -3.34 -21.26 -7.62
N ALA F 26 -3.85 -20.50 -8.59
CA ALA F 26 -4.45 -21.10 -9.79
C ALA F 26 -4.03 -20.28 -11.02
N ALA F 27 -4.01 -20.91 -12.18
CA ALA F 27 -3.60 -20.21 -13.39
C ALA F 27 -4.50 -19.02 -13.70
N TRP F 28 -5.76 -19.10 -13.31
CA TRP F 28 -6.69 -18.01 -13.58
C TRP F 28 -6.65 -16.90 -12.53
N CYS F 29 -5.76 -17.06 -11.56
CA CYS F 29 -5.66 -16.11 -10.47
C CYS F 29 -5.26 -14.69 -10.88
N GLY F 30 -5.97 -13.71 -10.33
CA GLY F 30 -5.69 -12.33 -10.65
C GLY F 30 -4.34 -11.85 -10.18
N PRO F 31 -4.18 -11.66 -8.86
CA PRO F 31 -2.93 -11.19 -8.24
C PRO F 31 -1.75 -12.15 -8.04
N CYS F 32 -1.93 -13.44 -8.36
CA CYS F 32 -0.83 -14.38 -8.13
C CYS F 32 0.48 -14.10 -8.87
N ARG F 33 0.42 -13.62 -10.10
CA ARG F 33 1.65 -13.32 -10.84
C ARG F 33 2.27 -12.10 -10.16
N MET F 34 1.40 -11.18 -9.76
CA MET F 34 1.80 -9.96 -9.09
C MET F 34 2.48 -10.32 -7.76
N MET F 35 1.95 -11.36 -7.10
CA MET F 35 2.44 -11.87 -5.83
C MET F 35 3.76 -12.64 -5.94
N ALA F 36 3.99 -13.19 -7.13
CA ALA F 36 5.17 -13.99 -7.41
C ALA F 36 6.48 -13.40 -6.92
N PRO F 37 6.88 -12.23 -7.44
CA PRO F 37 8.14 -11.65 -6.98
C PRO F 37 8.17 -11.31 -5.48
N VAL F 38 6.99 -11.19 -4.88
CA VAL F 38 6.87 -10.84 -3.47
C VAL F 38 7.20 -12.06 -2.58
N LEU F 39 6.63 -13.20 -2.92
CA LEU F 39 6.88 -14.43 -2.15
C LEU F 39 8.30 -14.91 -2.35
N GLU F 40 8.85 -14.63 -3.53
CA GLU F 40 10.21 -15.02 -3.89
C GLU F 40 11.18 -14.30 -2.95
N GLU F 41 11.08 -12.98 -2.91
CA GLU F 41 11.96 -12.18 -2.06
C GLU F 41 11.73 -12.53 -0.58
N PHE F 42 10.47 -12.80 -0.22
CA PHE F 42 10.16 -13.13 1.15
C PHE F 42 10.87 -14.40 1.57
N ALA F 43 10.79 -15.43 0.72
CA ALA F 43 11.42 -16.70 1.01
C ALA F 43 12.93 -16.50 1.17
N GLU F 44 13.50 -15.65 0.32
CA GLU F 44 14.94 -15.39 0.36
C GLU F 44 15.38 -14.64 1.61
N ALA F 45 14.52 -13.74 2.09
CA ALA F 45 14.85 -12.94 3.26
C ALA F 45 14.49 -13.59 4.59
N HIS F 46 13.90 -14.78 4.54
CA HIS F 46 13.51 -15.51 5.74
C HIS F 46 13.81 -17.00 5.59
N ALA F 47 14.82 -17.32 4.78
CA ALA F 47 15.20 -18.72 4.54
C ALA F 47 15.38 -19.55 5.81
N ASP F 48 15.95 -18.94 6.85
CA ASP F 48 16.20 -19.66 8.09
C ASP F 48 15.04 -19.72 9.06
N LYS F 49 13.92 -19.09 8.72
CA LYS F 49 12.75 -19.06 9.60
C LYS F 49 11.51 -19.71 9.03
N VAL F 50 11.51 -19.97 7.73
CA VAL F 50 10.33 -20.58 7.11
C VAL F 50 10.60 -21.06 5.70
N THR F 51 9.83 -22.06 5.29
CA THR F 51 9.92 -22.59 3.96
C THR F 51 8.66 -22.10 3.26
N VAL F 52 8.84 -21.44 2.12
CA VAL F 52 7.73 -20.93 1.32
C VAL F 52 7.45 -21.93 0.21
N ALA F 53 6.21 -22.40 0.12
CA ALA F 53 5.86 -23.38 -0.89
C ALA F 53 4.63 -22.98 -1.67
N LYS F 54 4.46 -23.59 -2.85
CA LYS F 54 3.32 -23.33 -3.71
C LYS F 54 2.59 -24.61 -4.04
N LEU F 55 1.26 -24.55 -4.02
CA LEU F 55 0.44 -25.70 -4.36
C LEU F 55 -0.57 -25.22 -5.40
N ASN F 56 -0.45 -25.74 -6.62
CA ASN F 56 -1.34 -25.37 -7.71
C ASN F 56 -2.68 -26.09 -7.50
N VAL F 57 -3.76 -25.34 -7.27
CA VAL F 57 -5.06 -25.94 -7.02
C VAL F 57 -5.68 -26.62 -8.25
N ASP F 58 -5.34 -26.18 -9.45
CA ASP F 58 -5.87 -26.78 -10.67
C ASP F 58 -5.45 -28.24 -10.79
N GLU F 59 -4.37 -28.60 -10.13
CA GLU F 59 -3.83 -29.95 -10.22
C GLU F 59 -3.76 -30.71 -8.90
N ASN F 60 -4.13 -30.07 -7.81
CA ASN F 60 -4.08 -30.72 -6.51
C ASN F 60 -5.39 -30.50 -5.77
N PRO F 61 -6.47 -31.12 -6.28
CA PRO F 61 -7.79 -30.99 -5.65
C PRO F 61 -7.90 -31.52 -4.24
N GLU F 62 -7.10 -32.52 -3.89
CA GLU F 62 -7.20 -33.11 -2.55
C GLU F 62 -6.80 -32.21 -1.39
N THR F 63 -5.57 -31.73 -1.40
CA THR F 63 -5.09 -30.86 -0.33
C THR F 63 -5.96 -29.60 -0.27
N THR F 64 -6.32 -29.09 -1.43
CA THR F 64 -7.14 -27.89 -1.56
C THR F 64 -8.45 -28.08 -0.82
N SER F 65 -9.14 -29.19 -1.09
CA SER F 65 -10.39 -29.47 -0.42
C SER F 65 -10.19 -29.67 1.09
N GLN F 66 -9.12 -30.36 1.45
CA GLN F 66 -8.83 -30.63 2.86
C GLN F 66 -8.78 -29.36 3.72
N PHE F 67 -8.34 -28.26 3.13
CA PHE F 67 -8.26 -27.01 3.88
C PHE F 67 -9.30 -25.96 3.55
N GLY F 68 -10.39 -26.41 2.92
CA GLY F 68 -11.50 -25.51 2.59
C GLY F 68 -11.20 -24.24 1.82
N ILE F 69 -10.22 -24.33 0.92
CA ILE F 69 -9.84 -23.19 0.11
C ILE F 69 -11.05 -22.63 -0.66
N MET F 70 -11.18 -21.31 -0.68
CA MET F 70 -12.24 -20.61 -1.39
C MET F 70 -11.65 -19.51 -2.25
N SER F 71 -10.84 -18.66 -1.62
CA SER F 71 -10.22 -17.53 -2.28
C SER F 71 -8.90 -17.90 -2.89
N ILE F 72 -8.61 -17.32 -4.05
CA ILE F 72 -7.32 -17.54 -4.70
C ILE F 72 -6.75 -16.16 -4.93
N PRO F 73 -5.54 -15.90 -4.40
CA PRO F 73 -4.66 -16.77 -3.63
C PRO F 73 -5.02 -16.91 -2.15
N THR F 74 -4.61 -18.02 -1.55
CA THR F 74 -4.79 -18.21 -0.11
C THR F 74 -3.43 -18.65 0.40
N LEU F 75 -2.97 -18.03 1.48
CA LEU F 75 -1.68 -18.39 2.07
C LEU F 75 -1.97 -18.96 3.46
N ILE F 76 -1.41 -20.12 3.77
CA ILE F 76 -1.61 -20.72 5.07
C ILE F 76 -0.25 -21.03 5.64
N LEU F 77 -0.02 -20.56 6.87
CA LEU F 77 1.22 -20.82 7.59
C LEU F 77 0.96 -22.00 8.50
N PHE F 78 1.75 -23.05 8.29
CA PHE F 78 1.67 -24.29 9.03
C PHE F 78 2.79 -24.33 10.04
N LYS F 79 2.43 -24.74 11.25
CA LYS F 79 3.37 -24.89 12.35
C LYS F 79 2.91 -26.13 13.10
N GLY F 80 3.81 -27.07 13.31
CA GLY F 80 3.42 -28.27 14.02
C GLY F 80 2.38 -29.07 13.26
N GLY F 81 2.44 -29.01 11.93
CA GLY F 81 1.51 -29.74 11.09
C GLY F 81 0.10 -29.17 11.09
N GLU F 82 -0.07 -28.00 11.67
CA GLU F 82 -1.38 -27.36 11.73
C GLU F 82 -1.40 -25.94 11.21
N PRO F 83 -2.53 -25.48 10.64
CA PRO F 83 -2.58 -24.11 10.14
C PRO F 83 -2.64 -23.18 11.36
N VAL F 84 -1.76 -22.18 11.43
CA VAL F 84 -1.81 -21.26 12.56
C VAL F 84 -2.22 -19.86 12.09
N LYS F 85 -2.20 -19.62 10.79
CA LYS F 85 -2.63 -18.34 10.26
C LYS F 85 -2.90 -18.47 8.77
N GLN F 86 -3.90 -17.74 8.29
CA GLN F 86 -4.24 -17.77 6.89
C GLN F 86 -4.48 -16.34 6.45
N LEU F 87 -4.00 -16.03 5.25
CA LEU F 87 -4.17 -14.72 4.63
C LEU F 87 -4.80 -14.99 3.26
N ILE F 88 -5.69 -14.09 2.85
CA ILE F 88 -6.38 -14.20 1.57
C ILE F 88 -6.07 -13.01 0.67
N GLY F 89 -5.97 -13.26 -0.63
CA GLY F 89 -5.73 -12.19 -1.58
C GLY F 89 -4.30 -11.71 -1.68
N TYR F 90 -4.09 -10.73 -2.53
CA TYR F 90 -2.76 -10.16 -2.71
C TYR F 90 -2.20 -9.62 -1.40
N GLN F 91 -0.94 -9.93 -1.12
CA GLN F 91 -0.27 -9.45 0.08
C GLN F 91 1.05 -8.78 -0.35
N PRO F 92 1.07 -7.43 -0.38
CA PRO F 92 2.26 -6.65 -0.75
C PRO F 92 3.41 -7.03 0.20
N LYS F 93 4.64 -6.69 -0.16
CA LYS F 93 5.80 -7.01 0.68
C LYS F 93 5.67 -6.63 2.17
N GLU F 94 5.42 -5.36 2.44
CA GLU F 94 5.34 -4.87 3.81
C GLU F 94 4.16 -5.43 4.60
N GLN F 95 3.13 -5.85 3.88
CA GLN F 95 1.94 -6.44 4.47
C GLN F 95 2.28 -7.86 4.95
N LEU F 96 2.95 -8.63 4.09
CA LEU F 96 3.39 -9.98 4.41
C LEU F 96 4.29 -9.96 5.66
N GLU F 97 5.20 -8.99 5.68
CA GLU F 97 6.13 -8.81 6.77
C GLU F 97 5.37 -8.53 8.05
N ALA F 98 4.42 -7.61 7.96
CA ALA F 98 3.61 -7.21 9.12
C ALA F 98 2.73 -8.31 9.67
N GLN F 99 2.13 -9.09 8.77
CA GLN F 99 1.22 -10.16 9.16
C GLN F 99 1.90 -11.42 9.72
N LEU F 100 3.11 -11.68 9.25
CA LEU F 100 3.84 -12.87 9.65
C LEU F 100 4.87 -12.65 10.75
N ALA F 101 5.20 -11.38 11.00
CA ALA F 101 6.20 -11.02 12.00
C ALA F 101 5.95 -11.72 13.33
N ASP F 102 4.70 -11.78 13.78
CA ASP F 102 4.42 -12.42 15.06
C ASP F 102 4.16 -13.93 15.03
N VAL F 103 4.13 -14.53 13.86
CA VAL F 103 3.94 -15.98 13.82
C VAL F 103 5.23 -16.73 13.40
N LEU F 104 6.26 -16.00 13.00
CA LEU F 104 7.53 -16.63 12.63
C LEU F 104 8.50 -16.43 13.79
N GLN F 105 7.91 -16.32 14.97
CA GLN F 105 8.61 -16.06 16.22
C GLN F 105 7.82 -16.72 17.36
N ALA G 1 -31.50 -28.46 -17.99
CA ALA G 1 -31.38 -27.78 -16.66
C ALA G 1 -30.27 -26.74 -16.67
N THR G 2 -29.03 -27.20 -16.48
CA THR G 2 -27.87 -26.31 -16.47
C THR G 2 -26.79 -26.83 -17.41
N MET G 3 -26.45 -26.03 -18.42
CA MET G 3 -25.46 -26.42 -19.41
C MET G 3 -24.02 -26.19 -18.99
N THR G 4 -23.10 -26.76 -19.76
CA THR G 4 -21.68 -26.65 -19.51
C THR G 4 -20.98 -25.69 -20.47
N LEU G 5 -20.29 -24.71 -19.92
CA LEU G 5 -19.57 -23.73 -20.72
C LEU G 5 -18.06 -23.97 -20.67
N THR G 6 -17.38 -23.56 -21.74
CA THR G 6 -15.93 -23.72 -21.84
C THR G 6 -15.37 -22.42 -22.38
N ASP G 7 -14.05 -22.24 -22.29
CA ASP G 7 -13.49 -21.01 -22.82
C ASP G 7 -13.86 -20.88 -24.30
N ALA G 8 -14.04 -22.03 -24.96
CA ALA G 8 -14.39 -22.07 -26.38
C ALA G 8 -15.79 -21.54 -26.75
N ASN G 9 -16.81 -21.93 -26.00
CA ASN G 9 -18.17 -21.50 -26.32
C ASN G 9 -18.75 -20.44 -25.41
N PHE G 10 -17.95 -19.91 -24.50
CA PHE G 10 -18.46 -18.90 -23.59
C PHE G 10 -19.08 -17.69 -24.27
N GLN G 11 -18.28 -16.95 -25.05
CA GLN G 11 -18.81 -15.77 -25.73
C GLN G 11 -20.14 -15.98 -26.42
N GLN G 12 -20.24 -17.02 -27.22
CA GLN G 12 -21.48 -17.34 -27.94
C GLN G 12 -22.64 -17.46 -26.97
N ALA G 13 -22.43 -18.19 -25.89
CA ALA G 13 -23.45 -18.41 -24.89
C ALA G 13 -23.99 -17.11 -24.29
N ILE G 14 -23.12 -16.12 -24.04
CA ILE G 14 -23.60 -14.87 -23.46
C ILE G 14 -24.19 -13.90 -24.49
N GLN G 15 -24.21 -14.32 -25.76
CA GLN G 15 -24.80 -13.50 -26.81
C GLN G 15 -26.24 -14.03 -26.94
N GLY G 16 -26.49 -15.14 -26.26
CA GLY G 16 -27.78 -15.79 -26.28
C GLY G 16 -29.00 -14.88 -26.22
N ASP G 17 -30.17 -15.47 -26.41
CA ASP G 17 -31.41 -14.72 -26.39
C ASP G 17 -31.70 -14.17 -25.00
N LYS G 18 -31.79 -15.06 -24.02
CA LYS G 18 -32.11 -14.69 -22.65
C LYS G 18 -30.89 -14.57 -21.71
N PRO G 19 -31.10 -14.02 -20.51
CA PRO G 19 -30.04 -13.84 -19.51
C PRO G 19 -29.39 -15.17 -19.17
N VAL G 20 -28.08 -15.15 -18.92
CA VAL G 20 -27.35 -16.36 -18.58
C VAL G 20 -26.68 -16.19 -17.23
N LEU G 21 -26.96 -17.09 -16.29
CA LEU G 21 -26.33 -17.06 -14.97
C LEU G 21 -25.22 -18.12 -15.03
N VAL G 22 -23.97 -17.68 -14.98
CA VAL G 22 -22.84 -18.60 -15.06
C VAL G 22 -22.26 -18.87 -13.68
N ASP G 23 -22.20 -20.15 -13.34
CA ASP G 23 -21.66 -20.58 -12.06
C ASP G 23 -20.21 -20.99 -12.20
N PHE G 24 -19.29 -20.19 -11.64
CA PHE G 24 -17.87 -20.50 -11.71
C PHE G 24 -17.55 -21.45 -10.55
N TRP G 25 -17.20 -22.70 -10.87
CA TRP G 25 -16.94 -23.68 -9.83
C TRP G 25 -15.75 -24.58 -10.02
N ALA G 26 -15.53 -25.45 -9.04
CA ALA G 26 -14.46 -26.44 -9.09
C ALA G 26 -14.81 -27.63 -8.22
N ALA G 27 -14.28 -28.80 -8.57
CA ALA G 27 -14.53 -30.02 -7.82
C ALA G 27 -14.03 -29.93 -6.36
N TRP G 28 -12.91 -29.26 -6.14
CA TRP G 28 -12.36 -29.14 -4.80
C TRP G 28 -13.16 -28.19 -3.91
N CYS G 29 -14.17 -27.56 -4.50
CA CYS G 29 -15.01 -26.60 -3.79
C CYS G 29 -16.25 -27.18 -3.09
N GLY G 30 -16.17 -27.22 -1.76
CA GLY G 30 -17.25 -27.76 -0.94
C GLY G 30 -18.65 -27.18 -1.08
N PRO G 31 -18.83 -25.86 -0.87
CA PRO G 31 -20.20 -25.34 -1.03
C PRO G 31 -20.71 -25.38 -2.47
N CYS G 32 -19.80 -25.53 -3.43
CA CYS G 32 -20.21 -25.61 -4.84
C CYS G 32 -20.93 -26.94 -4.99
N ARG G 33 -20.33 -27.98 -4.40
CA ARG G 33 -20.90 -29.31 -4.47
C ARG G 33 -22.30 -29.29 -3.85
N MET G 34 -22.43 -28.59 -2.73
CA MET G 34 -23.72 -28.52 -2.04
C MET G 34 -24.73 -27.65 -2.80
N MET G 35 -24.25 -26.65 -3.50
CA MET G 35 -25.12 -25.75 -4.24
C MET G 35 -25.57 -26.29 -5.60
N ALA G 36 -24.88 -27.31 -6.10
CA ALA G 36 -25.20 -27.91 -7.39
C ALA G 36 -26.69 -28.22 -7.59
N PRO G 37 -27.31 -29.00 -6.69
CA PRO G 37 -28.73 -29.32 -6.85
C PRO G 37 -29.66 -28.12 -6.72
N VAL G 38 -29.31 -27.18 -5.84
CA VAL G 38 -30.13 -25.99 -5.64
C VAL G 38 -30.22 -25.19 -6.93
N LEU G 39 -29.08 -25.02 -7.59
CA LEU G 39 -29.01 -24.28 -8.83
C LEU G 39 -29.83 -25.03 -9.90
N GLU G 40 -29.73 -26.35 -9.90
CA GLU G 40 -30.45 -27.18 -10.86
C GLU G 40 -31.96 -26.96 -10.73
N GLU G 41 -32.46 -27.05 -9.49
CA GLU G 41 -33.88 -26.86 -9.24
C GLU G 41 -34.30 -25.43 -9.59
N PHE G 42 -33.36 -24.50 -9.49
CA PHE G 42 -33.65 -23.11 -9.81
C PHE G 42 -33.74 -22.92 -11.31
N ALA G 43 -32.82 -23.54 -12.04
CA ALA G 43 -32.78 -23.45 -13.50
C ALA G 43 -34.06 -24.03 -14.09
N GLU G 44 -34.53 -25.08 -13.44
CA GLU G 44 -35.74 -25.79 -13.82
C GLU G 44 -36.93 -24.83 -13.79
N ALA G 45 -37.20 -24.28 -12.62
CA ALA G 45 -38.33 -23.36 -12.40
C ALA G 45 -38.24 -21.98 -13.06
N HIS G 46 -37.16 -21.71 -13.79
CA HIS G 46 -37.00 -20.39 -14.43
C HIS G 46 -36.39 -20.50 -15.81
N ALA G 47 -36.62 -21.64 -16.46
CA ALA G 47 -36.07 -21.89 -17.79
C ALA G 47 -36.55 -20.89 -18.83
N ASP G 48 -37.72 -20.30 -18.60
CA ASP G 48 -38.27 -19.35 -19.55
C ASP G 48 -37.73 -17.93 -19.39
N LYS G 49 -37.00 -17.67 -18.31
CA LYS G 49 -36.46 -16.34 -18.07
C LYS G 49 -34.92 -16.28 -17.98
N VAL G 50 -34.27 -17.42 -17.76
CA VAL G 50 -32.82 -17.45 -17.67
C VAL G 50 -32.20 -18.78 -18.06
N THR G 51 -30.96 -18.70 -18.54
CA THR G 51 -30.16 -19.87 -18.92
C THR G 51 -29.10 -20.03 -17.84
N VAL G 52 -29.09 -21.17 -17.17
CA VAL G 52 -28.09 -21.42 -16.13
C VAL G 52 -27.03 -22.31 -16.71
N ALA G 53 -25.76 -21.92 -16.54
CA ALA G 53 -24.65 -22.69 -17.05
C ALA G 53 -23.59 -22.82 -15.97
N LYS G 54 -22.65 -23.71 -16.19
CA LYS G 54 -21.57 -23.93 -15.26
C LYS G 54 -20.27 -23.83 -16.02
N LEU G 55 -19.28 -23.21 -15.38
CA LEU G 55 -17.96 -23.06 -15.95
C LEU G 55 -16.96 -23.55 -14.91
N ASN G 56 -16.33 -24.69 -15.18
CA ASN G 56 -15.33 -25.25 -14.26
C ASN G 56 -14.03 -24.49 -14.43
N VAL G 57 -13.64 -23.75 -13.38
CA VAL G 57 -12.44 -22.93 -13.42
C VAL G 57 -11.11 -23.70 -13.58
N ASP G 58 -11.06 -24.94 -13.12
CA ASP G 58 -9.85 -25.73 -13.25
C ASP G 58 -9.46 -25.91 -14.73
N GLU G 59 -10.44 -26.15 -15.58
CA GLU G 59 -10.11 -26.37 -16.99
C GLU G 59 -10.48 -25.21 -17.92
N ASN G 60 -10.97 -24.13 -17.34
CA ASN G 60 -11.36 -22.96 -18.13
C ASN G 60 -10.82 -21.67 -17.53
N PRO G 61 -9.47 -21.52 -17.51
CA PRO G 61 -8.76 -20.36 -16.97
C PRO G 61 -8.99 -19.01 -17.65
N GLU G 62 -9.16 -19.02 -18.97
CA GLU G 62 -9.35 -17.79 -19.72
C GLU G 62 -10.54 -16.95 -19.30
N THR G 63 -11.73 -17.54 -19.29
CA THR G 63 -12.95 -16.82 -18.92
C THR G 63 -12.90 -16.42 -17.46
N THR G 64 -12.44 -17.33 -16.62
CA THR G 64 -12.34 -17.08 -15.19
C THR G 64 -11.50 -15.83 -14.96
N SER G 65 -10.37 -15.75 -15.66
CA SER G 65 -9.46 -14.61 -15.54
C SER G 65 -10.11 -13.34 -16.03
N GLN G 66 -10.78 -13.44 -17.17
CA GLN G 66 -11.45 -12.30 -17.79
C GLN G 66 -12.40 -11.59 -16.85
N PHE G 67 -13.12 -12.35 -16.04
CA PHE G 67 -14.08 -11.74 -15.14
C PHE G 67 -13.59 -11.52 -13.73
N GLY G 68 -12.28 -11.61 -13.55
CA GLY G 68 -11.67 -11.38 -12.25
C GLY G 68 -12.21 -12.17 -11.06
N ILE G 69 -12.46 -13.46 -11.25
CA ILE G 69 -12.94 -14.28 -10.13
C ILE G 69 -11.84 -14.30 -9.06
N MET G 70 -12.24 -14.09 -7.81
CA MET G 70 -11.30 -14.11 -6.68
C MET G 70 -11.60 -15.29 -5.77
N SER G 71 -12.86 -15.68 -5.66
CA SER G 71 -13.22 -16.83 -4.85
C SER G 71 -14.30 -17.67 -5.54
N ILE G 72 -14.31 -18.96 -5.21
CA ILE G 72 -15.25 -19.97 -5.73
C ILE G 72 -16.17 -20.41 -4.58
N PRO G 73 -17.50 -20.48 -4.84
CA PRO G 73 -18.10 -20.17 -6.13
C PRO G 73 -18.42 -18.69 -6.28
N THR G 74 -18.61 -18.28 -7.52
CA THR G 74 -19.00 -16.91 -7.86
C THR G 74 -19.96 -17.12 -9.02
N LEU G 75 -21.13 -16.51 -8.93
CA LEU G 75 -22.10 -16.64 -10.01
C LEU G 75 -22.26 -15.26 -10.62
N ILE G 76 -22.23 -15.21 -11.94
CA ILE G 76 -22.38 -13.95 -12.65
C ILE G 76 -23.54 -14.03 -13.62
N LEU G 77 -24.46 -13.07 -13.51
CA LEU G 77 -25.58 -13.03 -14.42
C LEU G 77 -25.19 -12.10 -15.55
N PHE G 78 -25.41 -12.54 -16.79
CA PHE G 78 -25.11 -11.72 -17.95
C PHE G 78 -26.42 -11.29 -18.59
N LYS G 79 -26.44 -10.05 -19.05
CA LYS G 79 -27.64 -9.51 -19.68
C LYS G 79 -27.15 -8.61 -20.82
N GLY G 80 -27.62 -8.89 -22.03
CA GLY G 80 -27.20 -8.09 -23.17
C GLY G 80 -25.73 -8.33 -23.45
N GLY G 81 -25.24 -9.50 -23.04
CA GLY G 81 -23.84 -9.83 -23.25
C GLY G 81 -22.90 -9.17 -22.25
N GLU G 82 -23.45 -8.53 -21.21
CA GLU G 82 -22.66 -7.85 -20.19
C GLU G 82 -23.00 -8.38 -18.79
N PRO G 83 -22.01 -8.40 -17.89
CA PRO G 83 -22.26 -8.88 -16.53
C PRO G 83 -23.02 -7.81 -15.75
N VAL G 84 -24.15 -8.18 -15.15
CA VAL G 84 -24.91 -7.17 -14.40
C VAL G 84 -25.02 -7.51 -12.92
N LYS G 85 -24.50 -8.67 -12.53
CA LYS G 85 -24.52 -9.07 -11.14
C LYS G 85 -23.48 -10.14 -10.92
N GLN G 86 -22.77 -10.04 -9.79
CA GLN G 86 -21.75 -11.00 -9.40
C GLN G 86 -22.19 -11.43 -8.01
N LEU G 87 -22.54 -12.70 -7.87
CA LEU G 87 -23.00 -13.21 -6.58
C LEU G 87 -21.84 -14.00 -6.00
N ILE G 88 -21.35 -13.58 -4.85
CA ILE G 88 -20.22 -14.25 -4.24
C ILE G 88 -20.61 -15.26 -3.18
N GLY G 89 -20.05 -16.46 -3.32
CA GLY G 89 -20.30 -17.54 -2.38
C GLY G 89 -21.58 -18.30 -2.59
N TYR G 90 -21.84 -19.22 -1.67
CA TYR G 90 -23.03 -20.05 -1.70
C TYR G 90 -24.31 -19.22 -1.77
N GLN G 91 -25.22 -19.63 -2.66
CA GLN G 91 -26.47 -18.91 -2.81
C GLN G 91 -27.67 -19.83 -2.55
N PRO G 92 -28.36 -19.65 -1.41
CA PRO G 92 -29.52 -20.51 -1.13
C PRO G 92 -30.58 -20.15 -2.16
N LYS G 93 -31.63 -20.96 -2.30
CA LYS G 93 -32.65 -20.64 -3.29
C LYS G 93 -33.30 -19.27 -3.04
N GLU G 94 -33.49 -18.94 -1.76
CA GLU G 94 -34.08 -17.66 -1.38
C GLU G 94 -33.26 -16.51 -1.89
N GLN G 95 -31.94 -16.66 -1.82
CA GLN G 95 -31.04 -15.64 -2.31
C GLN G 95 -31.10 -15.54 -3.82
N LEU G 96 -31.10 -16.68 -4.49
CA LEU G 96 -31.17 -16.67 -5.96
C LEU G 96 -32.44 -15.93 -6.38
N GLU G 97 -33.54 -16.21 -5.69
CA GLU G 97 -34.81 -15.55 -5.99
C GLU G 97 -34.70 -14.05 -5.75
N ALA G 98 -34.11 -13.70 -4.61
CA ALA G 98 -33.95 -12.30 -4.22
C ALA G 98 -33.06 -11.50 -5.17
N GLN G 99 -31.84 -12.00 -5.37
CA GLN G 99 -30.84 -11.37 -6.23
C GLN G 99 -31.17 -11.26 -7.71
N LEU G 100 -32.10 -12.09 -8.19
CA LEU G 100 -32.43 -12.07 -9.61
C LEU G 100 -33.89 -11.76 -9.96
N ALA G 101 -34.61 -11.08 -9.06
CA ALA G 101 -36.00 -10.72 -9.30
C ALA G 101 -36.12 -9.71 -10.44
N ASP G 102 -35.49 -8.56 -10.27
CA ASP G 102 -35.48 -7.54 -11.33
C ASP G 102 -34.21 -7.86 -12.11
N VAL G 103 -34.26 -7.72 -13.43
CA VAL G 103 -33.11 -8.07 -14.27
C VAL G 103 -33.24 -9.58 -14.49
N LEU G 104 -34.48 -9.93 -14.79
CA LEU G 104 -34.93 -11.28 -15.08
C LEU G 104 -36.40 -10.96 -15.30
N GLN G 105 -36.64 -9.66 -15.39
CA GLN G 105 -37.94 -9.06 -15.60
C GLN G 105 -37.70 -7.58 -15.90
N ALA H 1 -16.96 17.17 -11.41
CA ALA H 1 -16.16 16.07 -10.77
C ALA H 1 -17.00 14.81 -10.59
N THR H 2 -17.23 14.41 -9.35
CA THR H 2 -18.02 13.22 -9.05
C THR H 2 -19.18 13.49 -8.08
N MET H 3 -20.41 13.24 -8.53
CA MET H 3 -21.61 13.45 -7.72
C MET H 3 -21.64 12.54 -6.49
N THR H 4 -22.11 13.07 -5.37
CA THR H 4 -22.21 12.26 -4.18
C THR H 4 -23.67 11.88 -4.06
N LEU H 5 -23.95 10.58 -4.01
CA LEU H 5 -25.34 10.14 -3.89
C LEU H 5 -25.61 9.51 -2.52
N THR H 6 -26.87 9.58 -2.11
CA THR H 6 -27.33 9.07 -0.84
C THR H 6 -28.67 8.37 -1.03
N ASP H 7 -29.16 7.70 0.01
CA ASP H 7 -30.46 7.05 -0.07
C ASP H 7 -31.53 8.08 -0.41
N ALA H 8 -31.33 9.30 0.07
CA ALA H 8 -32.29 10.39 -0.15
C ALA H 8 -32.41 10.88 -1.57
N ASN H 9 -31.29 10.90 -2.30
CA ASN H 9 -31.33 11.42 -3.67
C ASN H 9 -30.90 10.49 -4.79
N PHE H 10 -30.61 9.24 -4.47
CA PHE H 10 -30.16 8.30 -5.48
C PHE H 10 -31.12 8.04 -6.64
N GLN H 11 -32.34 7.64 -6.32
CA GLN H 11 -33.32 7.34 -7.37
C GLN H 11 -33.50 8.44 -8.39
N GLN H 12 -33.57 9.67 -7.90
CA GLN H 12 -33.76 10.78 -8.81
C GLN H 12 -32.52 10.95 -9.69
N ALA H 13 -31.35 10.66 -9.15
CA ALA H 13 -30.13 10.80 -9.94
C ALA H 13 -30.02 9.82 -11.12
N ILE H 14 -30.55 8.60 -10.97
CA ILE H 14 -30.43 7.63 -12.06
C ILE H 14 -31.55 7.67 -13.12
N GLN H 15 -32.38 8.71 -13.08
CA GLN H 15 -33.45 8.82 -14.05
C GLN H 15 -33.08 9.89 -15.09
N GLY H 16 -31.85 10.39 -14.99
CA GLY H 16 -31.40 11.40 -15.94
C GLY H 16 -31.10 10.77 -17.30
N ASP H 17 -31.02 11.60 -18.33
CA ASP H 17 -30.74 11.10 -19.68
C ASP H 17 -29.34 10.50 -19.85
N LYS H 18 -28.33 11.10 -19.24
CA LYS H 18 -26.97 10.60 -19.38
C LYS H 18 -26.73 9.37 -18.47
N PRO H 19 -26.06 8.32 -18.99
CA PRO H 19 -25.84 7.17 -18.11
C PRO H 19 -25.12 7.58 -16.81
N VAL H 20 -25.35 6.83 -15.73
CA VAL H 20 -24.69 7.12 -14.45
C VAL H 20 -23.90 5.89 -13.98
N LEU H 21 -22.62 6.12 -13.66
CA LEU H 21 -21.73 5.08 -13.14
C LEU H 21 -21.64 5.36 -11.66
N VAL H 22 -22.14 4.45 -10.84
CA VAL H 22 -22.12 4.65 -9.41
C VAL H 22 -21.12 3.78 -8.68
N ASP H 23 -20.25 4.42 -7.90
CA ASP H 23 -19.24 3.73 -7.14
C ASP H 23 -19.75 3.52 -5.74
N PHE H 24 -19.96 2.26 -5.37
CA PHE H 24 -20.40 1.92 -4.03
C PHE H 24 -19.13 1.65 -3.24
N TRP H 25 -18.81 2.53 -2.29
CA TRP H 25 -17.61 2.39 -1.49
C TRP H 25 -17.89 2.38 0.03
N ALA H 26 -16.87 2.06 0.81
CA ALA H 26 -17.00 2.02 2.27
C ALA H 26 -15.69 2.54 2.88
N ALA H 27 -15.77 3.03 4.11
CA ALA H 27 -14.61 3.58 4.80
C ALA H 27 -13.53 2.53 4.96
N TRP H 28 -13.94 1.28 5.16
CA TRP H 28 -12.98 0.21 5.34
C TRP H 28 -12.39 -0.34 4.04
N CYS H 29 -13.02 -0.03 2.92
CA CYS H 29 -12.59 -0.56 1.62
C CYS H 29 -11.10 -0.47 1.33
N GLY H 30 -10.53 -1.53 0.78
CA GLY H 30 -9.11 -1.51 0.52
C GLY H 30 -8.67 -0.73 -0.71
N PRO H 31 -9.09 -1.18 -1.90
CA PRO H 31 -8.76 -0.55 -3.18
C PRO H 31 -9.42 0.79 -3.48
N CYS H 32 -10.39 1.20 -2.67
CA CYS H 32 -11.10 2.45 -2.93
C CYS H 32 -10.28 3.73 -3.00
N ARG H 33 -9.35 3.94 -2.07
CA ARG H 33 -8.54 5.16 -2.11
C ARG H 33 -7.66 5.26 -3.36
N MET H 34 -7.12 4.13 -3.81
CA MET H 34 -6.27 4.10 -5.00
C MET H 34 -7.08 4.20 -6.29
N MET H 35 -8.37 3.87 -6.18
CA MET H 35 -9.27 3.94 -7.33
C MET H 35 -9.88 5.34 -7.47
N ALA H 36 -9.81 6.15 -6.42
CA ALA H 36 -10.40 7.49 -6.45
C ALA H 36 -9.92 8.37 -7.61
N PRO H 37 -8.60 8.57 -7.73
CA PRO H 37 -8.01 9.39 -8.80
C PRO H 37 -8.37 8.86 -10.19
N VAL H 38 -8.47 7.53 -10.29
CA VAL H 38 -8.84 6.88 -11.54
C VAL H 38 -10.27 7.21 -11.94
N LEU H 39 -11.19 7.16 -10.98
CA LEU H 39 -12.58 7.47 -11.25
C LEU H 39 -12.74 8.96 -11.56
N GLU H 40 -11.99 9.79 -10.85
CA GLU H 40 -12.07 11.24 -11.06
C GLU H 40 -11.69 11.63 -12.50
N GLU H 41 -10.60 11.04 -12.99
CA GLU H 41 -10.13 11.31 -14.33
C GLU H 41 -11.11 10.75 -15.37
N PHE H 42 -11.58 9.53 -15.15
CA PHE H 42 -12.51 8.92 -16.09
C PHE H 42 -13.76 9.80 -16.23
N ALA H 43 -14.20 10.36 -15.10
CA ALA H 43 -15.37 11.23 -15.06
C ALA H 43 -15.12 12.50 -15.89
N GLU H 44 -13.93 13.06 -15.74
CA GLU H 44 -13.60 14.26 -16.49
C GLU H 44 -13.45 14.00 -17.99
N ALA H 45 -12.73 12.96 -18.37
CA ALA H 45 -12.54 12.69 -19.79
C ALA H 45 -13.80 12.20 -20.50
N HIS H 46 -14.87 11.98 -19.74
CA HIS H 46 -16.10 11.49 -20.36
C HIS H 46 -17.33 12.28 -19.95
N ALA H 47 -17.10 13.55 -19.61
CA ALA H 47 -18.15 14.45 -19.17
C ALA H 47 -19.43 14.33 -19.99
N ASP H 48 -19.28 14.25 -21.31
CA ASP H 48 -20.42 14.16 -22.22
C ASP H 48 -21.08 12.79 -22.40
N LYS H 49 -20.46 11.72 -21.89
CA LYS H 49 -21.02 10.38 -22.04
C LYS H 49 -21.51 9.73 -20.74
N VAL H 50 -21.15 10.29 -19.61
CA VAL H 50 -21.56 9.65 -18.38
C VAL H 50 -21.37 10.54 -17.19
N THR H 51 -22.18 10.29 -16.18
CA THR H 51 -22.12 11.01 -14.92
C THR H 51 -21.52 9.98 -13.98
N VAL H 52 -20.49 10.36 -13.25
CA VAL H 52 -19.89 9.42 -12.34
C VAL H 52 -20.30 9.84 -10.94
N ALA H 53 -20.73 8.88 -10.14
CA ALA H 53 -21.16 9.23 -8.79
C ALA H 53 -20.63 8.21 -7.83
N LYS H 54 -20.66 8.53 -6.54
CA LYS H 54 -20.19 7.62 -5.52
C LYS H 54 -21.24 7.60 -4.41
N LEU H 55 -21.43 6.43 -3.80
CA LEU H 55 -22.36 6.27 -2.71
C LEU H 55 -21.68 5.50 -1.58
N ASN H 56 -21.63 6.13 -0.40
CA ASN H 56 -21.03 5.53 0.79
C ASN H 56 -21.99 4.53 1.40
N VAL H 57 -21.71 3.23 1.25
CA VAL H 57 -22.61 2.21 1.77
C VAL H 57 -22.75 2.24 3.29
N ASP H 58 -21.74 2.79 3.97
CA ASP H 58 -21.71 2.87 5.44
C ASP H 58 -22.85 3.68 6.01
N GLU H 59 -23.34 4.63 5.21
CA GLU H 59 -24.39 5.53 5.66
C GLU H 59 -25.66 5.48 4.82
N ASN H 60 -25.65 4.65 3.78
CA ASN H 60 -26.79 4.55 2.88
C ASN H 60 -27.15 3.08 2.63
N PRO H 61 -27.73 2.41 3.65
CA PRO H 61 -28.13 1.00 3.57
C PRO H 61 -29.30 0.67 2.65
N GLU H 62 -30.18 1.63 2.41
CA GLU H 62 -31.32 1.35 1.57
C GLU H 62 -31.00 1.09 0.10
N THR H 63 -30.16 1.93 -0.47
CA THR H 63 -29.78 1.80 -1.87
C THR H 63 -28.87 0.60 -2.02
N THR H 64 -27.96 0.44 -1.08
CA THR H 64 -27.01 -0.66 -1.09
C THR H 64 -27.77 -1.99 -1.09
N SER H 65 -28.79 -2.09 -0.23
CA SER H 65 -29.61 -3.30 -0.11
C SER H 65 -30.44 -3.55 -1.37
N GLN H 66 -31.00 -2.48 -1.92
CA GLN H 66 -31.82 -2.61 -3.12
C GLN H 66 -31.09 -3.21 -4.30
N PHE H 67 -29.82 -2.90 -4.46
CA PHE H 67 -29.06 -3.44 -5.58
C PHE H 67 -28.22 -4.65 -5.22
N GLY H 68 -28.48 -5.19 -4.02
CA GLY H 68 -27.82 -6.38 -3.55
C GLY H 68 -26.30 -6.37 -3.55
N ILE H 69 -25.72 -5.25 -3.16
CA ILE H 69 -24.28 -5.11 -3.09
C ILE H 69 -23.72 -6.14 -2.11
N MET H 70 -22.56 -6.71 -2.43
CA MET H 70 -21.89 -7.69 -1.57
C MET H 70 -20.40 -7.36 -1.50
N SER H 71 -19.82 -7.02 -2.64
CA SER H 71 -18.40 -6.68 -2.71
C SER H 71 -18.19 -5.19 -2.68
N ILE H 72 -17.08 -4.78 -2.09
CA ILE H 72 -16.74 -3.37 -2.03
C ILE H 72 -15.32 -3.17 -2.55
N PRO H 73 -15.16 -2.31 -3.56
CA PRO H 73 -16.16 -1.53 -4.26
C PRO H 73 -16.91 -2.24 -5.37
N THR H 74 -18.11 -1.72 -5.66
CA THR H 74 -18.92 -2.22 -6.76
C THR H 74 -19.28 -1.01 -7.61
N LEU H 75 -19.05 -1.12 -8.92
CA LEU H 75 -19.40 -0.08 -9.87
C LEU H 75 -20.59 -0.59 -10.67
N ILE H 76 -21.65 0.21 -10.75
CA ILE H 76 -22.80 -0.17 -11.55
C ILE H 76 -23.07 0.99 -12.49
N LEU H 77 -23.16 0.68 -13.78
CA LEU H 77 -23.48 1.68 -14.78
C LEU H 77 -24.97 1.54 -15.00
N PHE H 78 -25.69 2.64 -14.81
CA PHE H 78 -27.14 2.69 -15.02
C PHE H 78 -27.40 3.40 -16.34
N LYS H 79 -28.31 2.84 -17.11
CA LYS H 79 -28.71 3.39 -18.38
C LYS H 79 -30.21 3.23 -18.36
N GLY H 80 -30.94 4.30 -18.67
CA GLY H 80 -32.38 4.22 -18.69
C GLY H 80 -32.99 3.80 -17.37
N GLY H 81 -32.34 4.12 -16.25
CA GLY H 81 -32.86 3.76 -14.94
C GLY H 81 -32.55 2.38 -14.40
N GLU H 82 -31.89 1.54 -15.18
CA GLU H 82 -31.57 0.19 -14.73
C GLU H 82 -30.09 -0.16 -14.93
N PRO H 83 -29.57 -1.09 -14.11
CA PRO H 83 -28.16 -1.52 -14.21
C PRO H 83 -27.99 -2.21 -15.55
N VAL H 84 -26.94 -1.85 -16.27
CA VAL H 84 -26.67 -2.51 -17.54
C VAL H 84 -25.34 -3.23 -17.48
N LYS H 85 -24.52 -2.88 -16.48
CA LYS H 85 -23.24 -3.52 -16.25
C LYS H 85 -22.72 -3.24 -14.86
N GLN H 86 -22.06 -4.23 -14.27
CA GLN H 86 -21.48 -4.12 -12.93
C GLN H 86 -20.05 -4.67 -12.92
N LEU H 87 -19.15 -3.94 -12.25
CA LEU H 87 -17.75 -4.36 -12.13
C LEU H 87 -17.44 -4.38 -10.66
N ILE H 88 -16.70 -5.38 -10.20
CA ILE H 88 -16.37 -5.39 -8.78
C ILE H 88 -14.87 -5.35 -8.58
N GLY H 89 -14.47 -4.82 -7.42
CA GLY H 89 -13.08 -4.72 -7.09
C GLY H 89 -12.34 -3.58 -7.79
N TYR H 90 -11.05 -3.50 -7.51
CA TYR H 90 -10.20 -2.48 -8.09
C TYR H 90 -10.23 -2.54 -9.61
N GLN H 91 -10.21 -1.36 -10.22
CA GLN H 91 -10.22 -1.27 -11.69
C GLN H 91 -9.34 -0.11 -12.15
N PRO H 92 -8.28 -0.39 -12.90
CA PRO H 92 -7.48 0.75 -13.33
C PRO H 92 -8.18 1.43 -14.52
N LYS H 93 -7.71 2.62 -14.86
CA LYS H 93 -8.30 3.41 -15.95
C LYS H 93 -8.47 2.63 -17.27
N GLU H 94 -7.45 1.87 -17.66
CA GLU H 94 -7.55 1.13 -18.91
C GLU H 94 -8.64 0.06 -18.85
N GLN H 95 -8.97 -0.42 -17.64
CA GLN H 95 -10.02 -1.42 -17.53
C GLN H 95 -11.39 -0.76 -17.63
N LEU H 96 -11.54 0.43 -17.04
CA LEU H 96 -12.83 1.14 -17.13
C LEU H 96 -13.08 1.46 -18.60
N GLU H 97 -12.02 1.92 -19.26
CA GLU H 97 -12.06 2.27 -20.67
C GLU H 97 -12.54 1.09 -21.51
N ALA H 98 -11.85 -0.03 -21.36
CA ALA H 98 -12.16 -1.23 -22.11
C ALA H 98 -13.52 -1.84 -21.77
N GLN H 99 -13.82 -1.91 -20.49
CA GLN H 99 -15.07 -2.50 -20.01
C GLN H 99 -16.33 -1.71 -20.31
N LEU H 100 -16.21 -0.38 -20.33
CA LEU H 100 -17.37 0.48 -20.54
C LEU H 100 -17.51 1.10 -21.92
N ALA H 101 -16.51 0.86 -22.78
CA ALA H 101 -16.50 1.39 -24.13
C ALA H 101 -17.80 1.15 -24.92
N ASP H 102 -18.20 -0.10 -25.08
CA ASP H 102 -19.41 -0.39 -25.85
C ASP H 102 -20.73 -0.01 -25.18
N VAL H 103 -20.83 -0.08 -23.86
CA VAL H 103 -22.08 0.31 -23.20
C VAL H 103 -22.23 1.82 -23.07
N LEU H 104 -21.25 2.57 -23.56
CA LEU H 104 -21.30 4.03 -23.51
C LEU H 104 -21.39 4.70 -24.88
N GLN H 105 -21.55 3.88 -25.93
CA GLN H 105 -21.69 4.38 -27.30
C GLN H 105 -20.48 5.04 -27.92
ZN ZN I . 15.16 36.29 -6.16
C ACT J . 17.79 37.69 -8.86
O ACT J . 18.16 38.91 -8.75
OXT ACT J . 17.04 37.16 -8.07
CH3 ACT J . 18.31 36.87 -10.06
C ACT K . 15.70 39.38 -4.45
O ACT K . 16.50 38.61 -4.88
OXT ACT K . 14.92 40.04 -5.18
CH3 ACT K . 15.68 39.60 -2.92
ZN ZN L . -3.44 2.91 -16.35
C ACT M . -3.27 5.85 -16.89
O ACT M . -3.86 4.78 -17.28
OXT ACT M . -2.44 5.89 -15.96
CH3 ACT M . -3.58 7.14 -17.63
C ACT N . -10.98 8.66 -24.70
O ACT N . -11.91 8.13 -25.36
OXT ACT N . -11.16 9.45 -23.76
CH3 ACT N . -9.54 8.28 -25.07
ZN ZN O . 31.53 24.87 16.66
C ACT P . 33.24 27.66 16.78
O ACT P . 31.97 27.78 16.72
OXT ACT P . 33.87 27.34 17.81
CH3 ACT P . 34.03 27.94 15.49
AS CAC Q . 21.02 -12.63 18.43
O1 CAC Q . 21.41 -14.25 19.19
O2 CAC Q . 19.50 -11.97 19.13
C1 CAC Q . 20.84 -12.88 16.60
C2 CAC Q . 22.39 -11.39 18.77
AS CAC R . 17.10 -14.25 18.70
O1 CAC R . 18.50 -15.06 17.85
O2 CAC R . 16.68 -12.74 17.81
C1 CAC R . 17.56 -13.84 20.46
C2 CAC R . 15.63 -15.42 18.72
ZN ZN S . 18.07 -11.27 17.91
ZN ZN T . 19.89 -15.72 19.06
ZN ZN U . -20.18 -29.10 15.27
C ACT V . -17.10 -28.53 15.08
O ACT V . -17.99 -29.14 15.75
OXT ACT V . -17.34 -27.88 14.03
CH3 ACT V . -15.66 -28.61 15.60
ZN ZN W . 10.76 -10.27 7.89
C ACT X . 9.36 -11.82 10.06
O ACT X . 9.27 -12.48 11.14
OXT ACT X . 10.43 -11.22 9.67
CH3 ACT X . 8.12 -11.76 9.18
ZN ZN Y . -37.55 -20.67 -7.70
C ACT Z . -40.88 -18.05 -8.53
O ACT Z . -41.38 -17.04 -9.12
OXT ACT Z . -39.69 -18.14 -8.22
CH3 ACT Z . -41.83 -19.22 -8.20
ZN ZN AA . -13.01 6.65 -23.11
C ACT BA . -15.65 5.18 -24.01
O ACT BA . -15.24 4.50 -23.02
OXT ACT BA . -14.91 5.84 -24.76
CH3 ACT BA . -17.17 5.15 -24.31
#